data_7NGA
#
_entry.id   7NGA
#
_cell.length_a   1.00
_cell.length_b   1.00
_cell.length_c   1.00
_cell.angle_alpha   90.00
_cell.angle_beta   90.00
_cell.angle_gamma   90.00
#
_symmetry.space_group_name_H-M   'P 1'
#
loop_
_entity.id
_entity.type
_entity.pdbx_description
1 polymer "RNA (5'-R(P*UP*CP*CP*AP*UP*GP*CP*GP*CP*AP*UP*GP*AP*CP*G)-3')"
2 polymer "RNA (5'-R(P*AP*CP*GP*UP*CP*AP*UP*GP*CP*GP*CP*AP*UP*GP*G)-3')"
3 polymer 'Interferon-induced helicase C domain-containing protein 1'
4 non-polymer 'ZINC ION'
5 non-polymer "ADENOSINE-5'-DIPHOSPHATE"
#
loop_
_entity_poly.entity_id
_entity_poly.type
_entity_poly.pdbx_seq_one_letter_code
_entity_poly.pdbx_strand_id
1 'polyribonucleotide' UCCAUGCGCAUGACG Y
2 'polyribonucleotide' CGUCAUGCGCAUGGA X
3 'polypeptide(L)'
;MSIVCSAEDSFRNLILFFRPRLKMYIQVEPVLDHLIFLSAETKEQILKKINTCGNTSAAELLLSTLEQGQWPLGWTQMFV
EALEHSGNPLAARYVKPTLTDLPSPSSETAHDECLHLLTLLQPTLVDKLLINDVLDTCFEKGLLTVEDRNRISAAGNSGN
ESGVRELLRRIVQKENWFSTFLDVLRQTGNDALFQELTGGGCPEDNTDLANSSHRDGPAANECLLPAVDESSLETEAWNV
DDILPEASCTDSSVTTESDTSLAEGSVSCFDESLGHNSNMGRDSGTMGSDSDESVIQTKRVSPEPELQLRPYQMEVAQPA
LDGKNIIICLPTGSGKTRVAVYITKDHLDKKKQASESGKVIVLVNKVMLAEQLFRKEFNPYLKKWYRIIGLSGDTQLKIS
FPEVVKSYDVIISTAQILENSLLNLESGDDDGVQLSDFSLIIIDECHHTNKEAVYNNIMRRYLKQKLRNNDLKKQNKPAI
PLPQILGLTASPGVGAAKKQSEAEKHILNICANLDAFTIKTVKENLGQLKHQIKEPCKKFVIADDTRENPFKEKLLEIMA
SIQTYCQKSPMSDFGTQHYEQWAIQMEKKAAKDGNRKDRVCAEHLRKYNEALQINDTIRMIDAYSHLETFYTDEKEKKFA
VLNDSDKSDDEASSCNDQLKGDVKKSLKLDETDEFLMNLFFDNKKMLKKLAENPKYENEKLIKLRNTILEQFTRSEESSR
GIIFTKTRQSTYALSQWIMENAKFAEVGVKAHHLIGAGHSSEVKPMTQTEQKEVISKFRTGEINLLIATTVAEEGLDIKE
CNIVIRYGLVTNEIAMVQARGRARADESTYVLVTSSGSGVTEREIVNDFREKMMYKAINRVQNMKPEEYAHKILELQVQS
ILEKKMKVKRSIAKQYNDNPSLITLLCKNCSMLVCSGENIHVIEKMHHVNMTPEFKGLYIVRENKALQKKFADYQTNGEI
ICKCGQAWGTMMVHKGLDLPCLKIRNFVVNFKNNSPKKQYKKWVELPIRFPDLDYSEYCLYSDED
;
A
#
loop_
_chem_comp.id
_chem_comp.type
_chem_comp.name
_chem_comp.formula
A RNA linking ADENOSINE-5'-MONOPHOSPHATE 'C10 H14 N5 O7 P'
ADP non-polymer ADENOSINE-5'-DIPHOSPHATE 'C10 H15 N5 O10 P2'
C RNA linking CYTIDINE-5'-MONOPHOSPHATE 'C9 H14 N3 O8 P'
G RNA linking GUANOSINE-5'-MONOPHOSPHATE 'C10 H14 N5 O8 P'
U RNA linking URIDINE-5'-MONOPHOSPHATE 'C9 H13 N2 O9 P'
ZN non-polymer 'ZINC ION' 'Zn 2'
#
# COMPACT_ATOMS: atom_id res chain seq x y z
N GLU C 306 -34.04 20.39 2.24
CA GLU C 306 -33.20 20.78 1.10
C GLU C 306 -32.77 19.54 0.33
N LEU C 307 -31.45 19.33 0.23
CA LEU C 307 -30.91 18.21 -0.51
C LEU C 307 -31.41 18.20 -1.96
N GLN C 308 -31.51 19.39 -2.55
CA GLN C 308 -31.84 19.44 -3.97
C GLN C 308 -30.69 18.85 -4.79
N LEU C 309 -31.05 18.20 -5.89
CA LEU C 309 -30.11 17.42 -6.68
C LEU C 309 -29.90 18.08 -8.04
N ARG C 310 -28.62 18.16 -8.45
CA ARG C 310 -28.27 18.74 -9.73
C ARG C 310 -28.79 17.87 -10.88
N PRO C 311 -28.94 18.47 -12.06
CA PRO C 311 -29.62 17.75 -13.16
C PRO C 311 -28.82 16.58 -13.71
N TYR C 312 -27.57 16.85 -14.07
CA TYR C 312 -26.73 15.79 -14.60
C TYR C 312 -26.60 14.66 -13.58
N GLN C 313 -26.64 15.01 -12.30
CA GLN C 313 -26.68 14.00 -11.26
C GLN C 313 -28.04 13.30 -11.25
N MET C 314 -29.11 14.06 -11.50
CA MET C 314 -30.45 13.51 -11.42
C MET C 314 -30.63 12.36 -12.41
N GLU C 315 -30.30 12.61 -13.68
CA GLU C 315 -30.53 11.60 -14.69
C GLU C 315 -29.73 10.33 -14.40
N VAL C 316 -28.45 10.50 -14.08
CA VAL C 316 -27.60 9.35 -13.85
C VAL C 316 -28.10 8.54 -12.67
N ALA C 317 -28.60 9.21 -11.64
CA ALA C 317 -29.10 8.50 -10.48
C ALA C 317 -30.47 7.88 -10.73
N GLN C 318 -31.17 8.31 -11.77
CA GLN C 318 -32.53 7.84 -12.01
C GLN C 318 -32.66 6.32 -11.98
N PRO C 319 -31.80 5.55 -12.66
CA PRO C 319 -32.04 4.10 -12.71
C PRO C 319 -31.98 3.43 -11.36
N ALA C 320 -31.07 3.86 -10.49
CA ALA C 320 -30.90 3.20 -9.21
C ALA C 320 -32.18 3.27 -8.40
N LEU C 321 -32.92 4.36 -8.52
CA LEU C 321 -34.16 4.53 -7.77
C LEU C 321 -35.18 3.47 -8.12
N ASP C 322 -34.97 2.76 -9.22
CA ASP C 322 -35.84 1.68 -9.66
C ASP C 322 -35.38 0.33 -9.16
N GLY C 323 -34.40 0.29 -8.26
CA GLY C 323 -33.81 -0.95 -7.81
C GLY C 323 -32.64 -1.40 -8.65
N LYS C 324 -32.21 -0.58 -9.62
CA LYS C 324 -31.10 -0.95 -10.47
C LYS C 324 -29.80 -0.94 -9.69
N ASN C 325 -29.03 -2.02 -9.79
CA ASN C 325 -27.70 -2.08 -9.19
C ASN C 325 -26.66 -1.55 -10.17
N ILE C 326 -26.86 -0.30 -10.57
CA ILE C 326 -26.03 0.33 -11.58
C ILE C 326 -24.74 0.85 -10.97
N ILE C 327 -23.81 1.23 -11.85
CA ILE C 327 -22.60 1.94 -11.49
C ILE C 327 -22.74 3.37 -11.96
N ILE C 328 -22.21 4.29 -11.17
CA ILE C 328 -22.24 5.71 -11.50
C ILE C 328 -20.80 6.21 -11.47
N CYS C 329 -20.28 6.55 -12.63
CA CYS C 329 -18.94 7.08 -12.76
C CYS C 329 -19.03 8.53 -13.19
N LEU C 330 -18.38 9.41 -12.45
CA LEU C 330 -18.38 10.83 -12.76
C LEU C 330 -16.99 11.39 -12.51
N PRO C 331 -16.72 12.60 -12.95
CA PRO C 331 -15.38 13.16 -12.75
C PRO C 331 -15.16 13.60 -11.32
N THR C 332 -14.00 14.20 -11.07
CA THR C 332 -13.67 14.69 -9.75
C THR C 332 -14.27 16.07 -9.54
N GLY C 333 -14.77 16.31 -8.32
CA GLY C 333 -15.35 17.58 -7.98
C GLY C 333 -16.81 17.72 -8.30
N SER C 334 -17.41 16.69 -8.89
CA SER C 334 -18.83 16.73 -9.22
C SER C 334 -19.72 16.40 -8.03
N GLY C 335 -19.14 16.09 -6.87
CA GLY C 335 -19.91 15.90 -5.66
C GLY C 335 -20.84 14.72 -5.73
N LYS C 336 -20.32 13.61 -6.24
CA LYS C 336 -21.12 12.38 -6.27
C LYS C 336 -21.43 11.89 -4.87
N THR C 337 -20.77 12.44 -3.86
CA THR C 337 -21.17 12.14 -2.50
C THR C 337 -22.59 12.60 -2.24
N ARG C 338 -22.95 13.78 -2.75
CA ARG C 338 -24.28 14.33 -2.48
C ARG C 338 -25.35 13.53 -3.20
N VAL C 339 -25.10 13.18 -4.46
CA VAL C 339 -26.05 12.33 -5.18
C VAL C 339 -26.18 11.00 -4.47
N ALA C 340 -25.07 10.49 -3.93
CA ALA C 340 -25.13 9.27 -3.16
C ALA C 340 -26.05 9.46 -1.95
N VAL C 341 -25.92 10.59 -1.27
CA VAL C 341 -26.78 10.87 -0.14
C VAL C 341 -28.23 10.88 -0.58
N TYR C 342 -28.52 11.55 -1.70
CA TYR C 342 -29.89 11.62 -2.19
C TYR C 342 -30.41 10.22 -2.47
N ILE C 343 -29.57 9.38 -3.09
CA ILE C 343 -29.99 8.02 -3.41
C ILE C 343 -30.31 7.26 -2.14
N THR C 344 -29.45 7.37 -1.13
CA THR C 344 -29.70 6.72 0.15
C THR C 344 -31.02 7.18 0.74
N LYS C 345 -31.26 8.49 0.71
CA LYS C 345 -32.49 9.05 1.25
C LYS C 345 -33.70 8.49 0.52
N ASP C 346 -33.64 8.46 -0.81
CA ASP C 346 -34.77 7.93 -1.58
C ASP C 346 -35.00 6.46 -1.30
N HIS C 347 -33.94 5.66 -1.21
CA HIS C 347 -34.08 4.25 -0.92
C HIS C 347 -34.71 4.03 0.44
N LEU C 348 -34.27 4.79 1.44
CA LEU C 348 -34.83 4.63 2.78
C LEU C 348 -36.29 5.06 2.83
N ASP C 349 -36.60 6.19 2.21
CA ASP C 349 -37.99 6.64 2.19
C ASP C 349 -38.87 5.61 1.52
N LYS C 350 -38.38 5.00 0.44
CA LYS C 350 -39.14 3.95 -0.21
C LYS C 350 -39.35 2.76 0.71
N LYS C 351 -38.32 2.36 1.44
CA LYS C 351 -38.46 1.24 2.35
C LYS C 351 -39.39 1.60 3.50
N LYS C 352 -39.43 2.87 3.88
CA LYS C 352 -40.41 3.32 4.85
C LYS C 352 -41.82 3.10 4.31
N GLN C 353 -42.07 3.54 3.09
CA GLN C 353 -43.38 3.34 2.48
C GLN C 353 -43.70 1.86 2.39
N ALA C 354 -42.69 1.04 2.09
CA ALA C 354 -42.89 -0.39 2.02
C ALA C 354 -43.18 -1.00 3.38
N SER C 355 -42.96 -0.24 4.45
CA SER C 355 -43.05 -0.75 5.81
C SER C 355 -41.99 -1.80 6.09
N GLU C 356 -40.90 -1.78 5.33
CA GLU C 356 -39.83 -2.76 5.46
C GLU C 356 -38.53 -2.06 5.82
N SER C 357 -37.70 -2.75 6.57
CA SER C 357 -36.47 -2.16 7.09
C SER C 357 -35.53 -1.78 5.95
N GLY C 358 -34.98 -0.58 6.04
CA GLY C 358 -34.02 -0.08 5.08
C GLY C 358 -32.65 0.05 5.71
N LYS C 359 -31.71 -0.77 5.24
CA LYS C 359 -30.34 -0.76 5.74
C LYS C 359 -29.40 -0.35 4.62
N VAL C 360 -28.44 0.51 4.97
CA VAL C 360 -27.36 0.89 4.08
C VAL C 360 -26.05 0.71 4.81
N ILE C 361 -25.08 0.14 4.12
CA ILE C 361 -23.76 -0.14 4.68
C ILE C 361 -22.76 0.36 3.66
N VAL C 362 -22.24 1.54 3.88
CA VAL C 362 -21.34 2.18 2.95
C VAL C 362 -19.92 1.74 3.25
N LEU C 363 -19.11 1.65 2.19
CA LEU C 363 -17.76 1.13 2.30
C LEU C 363 -16.77 2.08 1.64
N VAL C 364 -15.56 2.11 2.20
CA VAL C 364 -14.44 2.82 1.62
C VAL C 364 -13.17 2.06 1.94
N ASN C 365 -12.16 2.26 1.10
CA ASN C 365 -10.89 1.59 1.31
C ASN C 365 -10.00 2.33 2.29
N LYS C 366 -10.26 3.60 2.51
CA LYS C 366 -9.48 4.42 3.42
C LYS C 366 -10.36 4.96 4.54
N VAL C 367 -9.76 5.06 5.72
CA VAL C 367 -10.48 5.48 6.90
C VAL C 367 -10.89 6.95 6.79
N MET C 368 -9.94 7.80 6.40
CA MET C 368 -10.19 9.23 6.43
C MET C 368 -11.40 9.59 5.60
N LEU C 369 -11.63 8.84 4.51
CA LEU C 369 -12.85 9.03 3.75
C LEU C 369 -14.06 8.80 4.62
N ALA C 370 -14.02 7.77 5.47
CA ALA C 370 -15.13 7.51 6.36
C ALA C 370 -15.35 8.68 7.29
N GLU C 371 -14.27 9.22 7.84
CA GLU C 371 -14.40 10.35 8.73
C GLU C 371 -15.00 11.54 8.01
N GLN C 372 -14.55 11.79 6.78
CA GLN C 372 -15.05 12.94 6.04
C GLN C 372 -16.54 12.80 5.76
N LEU C 373 -16.96 11.61 5.34
CA LEU C 373 -18.37 11.40 5.03
C LEU C 373 -19.24 11.52 6.28
N PHE C 374 -18.74 11.02 7.40
CA PHE C 374 -19.47 11.12 8.65
C PHE C 374 -19.49 12.54 9.19
N ARG C 375 -18.48 13.33 8.82
CA ARG C 375 -18.31 14.69 9.31
C ARG C 375 -19.08 15.70 8.48
N LYS C 376 -19.01 15.57 7.16
CA LYS C 376 -19.40 16.65 6.26
C LYS C 376 -20.56 16.32 5.34
N GLU C 377 -20.83 15.04 5.08
CA GLU C 377 -21.77 14.69 4.02
C GLU C 377 -23.03 14.01 4.53
N PHE C 378 -22.90 12.89 5.26
CA PHE C 378 -24.09 12.12 5.57
C PHE C 378 -24.82 12.66 6.79
N ASN C 379 -24.09 12.83 7.89
CA ASN C 379 -24.75 13.30 9.11
C ASN C 379 -25.43 14.63 8.90
N PRO C 380 -24.79 15.64 8.32
CA PRO C 380 -25.49 16.92 8.13
C PRO C 380 -26.85 16.75 7.49
N TYR C 381 -26.90 16.01 6.39
CA TYR C 381 -28.14 15.92 5.62
C TYR C 381 -29.16 15.01 6.29
N LEU C 382 -28.71 13.91 6.89
CA LEU C 382 -29.61 12.85 7.31
C LEU C 382 -29.52 12.48 8.78
N LYS C 383 -28.62 13.10 9.54
CA LYS C 383 -28.49 12.73 10.94
C LYS C 383 -29.84 12.76 11.64
N LYS C 384 -30.63 13.80 11.37
CA LYS C 384 -31.90 13.94 12.06
C LYS C 384 -32.94 12.97 11.53
N TRP C 385 -32.78 12.51 10.29
CA TRP C 385 -33.77 11.64 9.68
C TRP C 385 -33.52 10.18 10.06
N TYR C 386 -32.26 9.78 10.14
CA TYR C 386 -31.90 8.40 10.39
C TYR C 386 -30.63 8.34 11.22
N ARG C 387 -30.42 7.17 11.85
CA ARG C 387 -29.22 6.94 12.63
C ARG C 387 -28.02 6.72 11.73
N ILE C 388 -26.91 7.37 12.05
CA ILE C 388 -25.68 7.26 11.29
C ILE C 388 -24.53 6.99 12.25
N ILE C 389 -23.56 6.19 11.82
CA ILE C 389 -22.41 5.85 12.63
C ILE C 389 -21.16 5.91 11.76
N GLY C 390 -20.13 6.59 12.26
CA GLY C 390 -18.86 6.69 11.57
C GLY C 390 -17.90 5.57 11.94
N LEU C 391 -18.21 4.36 11.52
CA LEU C 391 -17.43 3.19 11.92
C LEU C 391 -16.07 3.17 11.25
N SER C 392 -15.09 2.61 11.96
CA SER C 392 -13.76 2.42 11.42
C SER C 392 -13.00 1.48 12.34
N GLY C 393 -11.95 0.88 11.79
CA GLY C 393 -11.17 -0.08 12.55
C GLY C 393 -10.42 0.55 13.70
N ASP C 394 -9.97 1.79 13.53
CA ASP C 394 -9.20 2.46 14.57
C ASP C 394 -10.09 2.94 15.71
N THR C 395 -11.29 3.42 15.41
CA THR C 395 -12.13 4.05 16.41
C THR C 395 -12.63 2.99 17.37
N GLN C 396 -12.16 3.05 18.62
CA GLN C 396 -12.58 2.09 19.62
C GLN C 396 -14.09 2.18 19.83
N LEU C 397 -14.79 1.13 19.44
CA LEU C 397 -16.25 1.07 19.54
C LEU C 397 -16.60 -0.04 20.53
N LYS C 398 -17.12 0.36 21.69
CA LYS C 398 -17.40 -0.61 22.74
C LYS C 398 -18.31 -1.73 22.25
N ILE C 399 -19.16 -1.44 21.30
CA ILE C 399 -20.16 -2.38 20.81
C ILE C 399 -19.63 -3.08 19.58
N SER C 400 -20.09 -4.31 19.37
CA SER C 400 -19.63 -5.11 18.25
C SER C 400 -20.40 -4.74 16.98
N PHE C 401 -19.85 -5.16 15.84
CA PHE C 401 -20.42 -4.78 14.56
C PHE C 401 -21.83 -5.29 14.37
N PRO C 402 -22.14 -6.56 14.63
CA PRO C 402 -23.49 -7.04 14.33
C PRO C 402 -24.55 -6.20 14.99
N GLU C 403 -24.26 -5.67 16.18
CA GLU C 403 -25.24 -4.86 16.88
C GLU C 403 -25.57 -3.61 16.10
N VAL C 404 -24.53 -2.90 15.65
CA VAL C 404 -24.77 -1.68 14.89
C VAL C 404 -25.45 -2.03 13.59
N VAL C 405 -25.21 -3.23 13.07
CA VAL C 405 -25.97 -3.71 11.94
C VAL C 405 -27.45 -3.75 12.30
N LYS C 406 -27.74 -4.07 13.55
CA LYS C 406 -29.12 -4.11 14.03
C LYS C 406 -29.58 -2.79 14.62
N SER C 407 -28.66 -1.89 14.96
CA SER C 407 -28.98 -0.74 15.78
C SER C 407 -28.90 0.58 15.02
N TYR C 408 -28.36 0.59 13.81
CA TYR C 408 -28.26 1.81 13.01
C TYR C 408 -28.91 1.58 11.66
N ASP C 409 -29.69 2.57 11.22
CA ASP C 409 -30.32 2.46 9.91
C ASP C 409 -29.29 2.66 8.80
N VAL C 410 -28.30 3.51 9.04
CA VAL C 410 -27.29 3.87 8.04
C VAL C 410 -25.92 3.62 8.64
N ILE C 411 -24.95 3.33 7.77
CA ILE C 411 -23.60 3.00 8.22
C ILE C 411 -22.58 3.52 7.22
N ILE C 412 -21.71 4.40 7.67
CA ILE C 412 -20.38 4.51 7.09
C ILE C 412 -19.51 3.46 7.74
N SER C 413 -18.54 2.96 7.00
CA SER C 413 -17.73 1.84 7.50
C SER C 413 -16.47 1.73 6.67
N THR C 414 -15.75 0.63 6.87
CA THR C 414 -14.57 0.28 6.13
C THR C 414 -14.66 -1.19 5.80
N ALA C 415 -14.21 -1.55 4.60
CA ALA C 415 -14.51 -2.87 4.06
C ALA C 415 -14.01 -3.98 4.97
N GLN C 416 -12.75 -3.92 5.35
CA GLN C 416 -12.15 -5.05 6.05
C GLN C 416 -12.91 -5.39 7.32
N ILE C 417 -13.49 -4.38 7.97
CA ILE C 417 -14.28 -4.63 9.17
C ILE C 417 -15.47 -5.51 8.83
N LEU C 418 -16.21 -5.13 7.79
CA LEU C 418 -17.36 -5.92 7.37
C LEU C 418 -16.95 -7.32 6.98
N GLU C 419 -15.84 -7.45 6.26
CA GLU C 419 -15.37 -8.76 5.85
C GLU C 419 -15.06 -9.61 7.06
N ASN C 420 -14.44 -9.01 8.09
CA ASN C 420 -14.11 -9.76 9.29
C ASN C 420 -15.37 -10.26 9.96
N SER C 421 -16.41 -9.44 9.99
CA SER C 421 -17.67 -9.90 10.57
C SER C 421 -18.22 -11.07 9.80
N LEU C 422 -18.19 -10.99 8.47
CA LEU C 422 -18.71 -12.09 7.65
C LEU C 422 -17.86 -13.34 7.84
N LEU C 423 -16.55 -13.17 7.99
CA LEU C 423 -15.68 -14.30 8.28
C LEU C 423 -16.08 -14.97 9.58
N ASN C 424 -16.33 -14.17 10.61
CA ASN C 424 -16.78 -14.73 11.88
C ASN C 424 -18.10 -15.48 11.70
N LEU C 425 -18.98 -14.98 10.83
CA LEU C 425 -20.20 -15.73 10.53
C LEU C 425 -19.85 -17.11 10.01
N GLU C 426 -18.97 -17.17 9.01
CA GLU C 426 -18.52 -18.46 8.50
C GLU C 426 -17.75 -19.23 9.54
N SER C 427 -17.11 -18.54 10.47
CA SER C 427 -16.33 -19.18 11.52
C SER C 427 -17.24 -19.47 12.72
N GLY C 428 -16.65 -19.97 13.81
CA GLY C 428 -17.37 -20.28 15.02
C GLY C 428 -17.43 -19.16 16.03
N ASP C 429 -16.97 -17.96 15.69
CA ASP C 429 -17.04 -16.85 16.63
C ASP C 429 -18.47 -16.45 16.94
N ASP C 430 -19.43 -16.91 16.16
CA ASP C 430 -20.86 -16.69 16.38
C ASP C 430 -21.28 -15.24 16.14
N ASP C 431 -20.37 -14.37 15.71
CA ASP C 431 -20.72 -13.02 15.32
C ASP C 431 -21.16 -13.06 13.85
N GLY C 432 -22.44 -12.83 13.60
CA GLY C 432 -23.00 -13.08 12.29
C GLY C 432 -23.57 -11.86 11.59
N VAL C 433 -23.28 -11.75 10.29
CA VAL C 433 -23.85 -10.73 9.44
C VAL C 433 -23.84 -11.25 8.01
N GLN C 434 -24.75 -10.74 7.19
CA GLN C 434 -24.86 -11.17 5.81
C GLN C 434 -25.21 -9.99 4.91
N LEU C 435 -24.71 -10.06 3.68
CA LEU C 435 -25.04 -9.04 2.70
C LEU C 435 -26.54 -9.02 2.48
N SER C 436 -27.19 -10.17 2.62
CA SER C 436 -28.64 -10.23 2.50
C SER C 436 -29.30 -9.46 3.64
N ASP C 437 -28.68 -9.47 4.83
CA ASP C 437 -29.26 -8.77 5.96
C ASP C 437 -29.42 -7.28 5.66
N PHE C 438 -28.50 -6.73 4.88
CA PHE C 438 -28.65 -5.37 4.41
C PHE C 438 -29.61 -5.31 3.22
N SER C 439 -30.17 -4.12 2.97
CA SER C 439 -31.05 -3.88 1.85
C SER C 439 -30.39 -3.11 0.73
N LEU C 440 -29.17 -2.60 0.95
CA LEU C 440 -28.48 -1.80 -0.03
C LEU C 440 -27.02 -1.68 0.38
N ILE C 441 -26.12 -1.91 -0.56
CA ILE C 441 -24.68 -1.81 -0.34
C ILE C 441 -24.12 -0.76 -1.29
N ILE C 442 -23.33 0.16 -0.75
CA ILE C 442 -22.74 1.25 -1.53
C ILE C 442 -21.23 1.20 -1.41
N ILE C 443 -20.54 1.48 -2.51
CA ILE C 443 -19.09 1.34 -2.61
C ILE C 443 -18.52 2.56 -3.27
N ASP C 444 -17.32 2.95 -2.85
CA ASP C 444 -16.61 4.08 -3.44
C ASP C 444 -15.30 3.57 -4.03
N GLU C 445 -14.89 4.20 -5.12
CA GLU C 445 -13.72 3.77 -5.87
C GLU C 445 -13.83 2.28 -6.22
N CYS C 446 -14.85 1.98 -7.01
CA CYS C 446 -15.08 0.60 -7.41
C CYS C 446 -13.90 0.01 -8.16
N HIS C 447 -13.12 0.87 -8.82
CA HIS C 447 -12.08 0.38 -9.70
C HIS C 447 -11.10 -0.54 -8.99
N HIS C 448 -11.08 -0.53 -7.65
CA HIS C 448 -10.23 -1.43 -6.90
C HIS C 448 -10.77 -2.85 -6.84
N THR C 449 -11.97 -3.09 -7.36
CA THR C 449 -12.59 -4.41 -7.29
C THR C 449 -12.12 -5.28 -8.45
N ASN C 450 -10.81 -5.52 -8.48
CA ASN C 450 -10.22 -6.30 -9.57
C ASN C 450 -9.61 -7.60 -9.10
N LYS C 451 -8.66 -7.53 -8.18
CA LYS C 451 -7.79 -8.67 -7.86
C LYS C 451 -7.73 -8.87 -6.35
N GLU C 452 -8.59 -9.74 -5.85
CA GLU C 452 -8.51 -10.17 -4.46
C GLU C 452 -8.51 -8.99 -3.50
N ALA C 453 -9.06 -7.87 -3.95
CA ALA C 453 -9.22 -6.73 -3.08
C ALA C 453 -10.42 -6.93 -2.16
N VAL C 454 -10.50 -6.07 -1.15
CA VAL C 454 -11.54 -6.23 -0.13
C VAL C 454 -12.91 -6.16 -0.77
N TYR C 455 -13.14 -5.15 -1.61
CA TYR C 455 -14.41 -5.06 -2.31
C TYR C 455 -14.68 -6.33 -3.08
N ASN C 456 -13.69 -6.81 -3.83
CA ASN C 456 -13.88 -7.99 -4.68
C ASN C 456 -14.17 -9.22 -3.83
N ASN C 457 -13.42 -9.40 -2.74
CA ASN C 457 -13.66 -10.54 -1.87
C ASN C 457 -15.06 -10.50 -1.30
N ILE C 458 -15.57 -9.32 -1.03
CA ILE C 458 -16.92 -9.20 -0.50
C ILE C 458 -17.94 -9.61 -1.54
N MET C 459 -17.84 -9.04 -2.74
CA MET C 459 -18.87 -9.25 -3.73
C MET C 459 -18.92 -10.70 -4.19
N ARG C 460 -17.79 -11.39 -4.14
CA ARG C 460 -17.78 -12.76 -4.63
C ARG C 460 -18.78 -13.61 -3.86
N ARG C 461 -18.88 -13.38 -2.55
CA ARG C 461 -19.88 -14.10 -1.77
C ARG C 461 -21.29 -13.77 -2.26
N TYR C 462 -21.55 -12.49 -2.49
CA TYR C 462 -22.85 -12.08 -2.98
C TYR C 462 -23.20 -12.81 -4.26
N LEU C 463 -22.22 -12.92 -5.16
CA LEU C 463 -22.46 -13.63 -6.41
C LEU C 463 -22.85 -15.07 -6.13
N LYS C 464 -21.95 -15.82 -5.49
CA LYS C 464 -22.20 -17.23 -5.22
C LYS C 464 -23.63 -17.43 -4.73
N GLN C 465 -24.04 -16.60 -3.78
CA GLN C 465 -25.41 -16.70 -3.28
C GLN C 465 -26.40 -16.41 -4.40
N LYS C 466 -26.09 -15.44 -5.26
CA LYS C 466 -27.02 -15.10 -6.32
C LYS C 466 -27.24 -16.28 -7.24
N LEU C 467 -26.18 -16.99 -7.58
CA LEU C 467 -26.33 -18.11 -8.50
C LEU C 467 -27.14 -19.22 -7.86
N ARG C 468 -26.92 -19.47 -6.57
CA ARG C 468 -27.80 -20.38 -5.86
C ARG C 468 -29.24 -19.90 -5.94
N ASN C 469 -29.43 -18.58 -5.88
CA ASN C 469 -30.79 -18.05 -5.95
C ASN C 469 -31.42 -18.33 -7.31
N ASN C 470 -30.63 -18.21 -8.38
CA ASN C 470 -31.15 -18.56 -9.69
C ASN C 470 -31.54 -20.03 -9.76
N ASP C 471 -30.64 -20.90 -9.32
CA ASP C 471 -30.94 -22.33 -9.35
C ASP C 471 -32.20 -22.64 -8.55
N LEU C 472 -32.38 -21.96 -7.43
CA LEU C 472 -33.58 -22.16 -6.63
C LEU C 472 -34.81 -21.59 -7.30
N LYS C 473 -34.66 -20.45 -7.99
CA LYS C 473 -35.79 -19.88 -8.72
C LYS C 473 -36.35 -20.89 -9.70
N LYS C 474 -35.47 -21.57 -10.42
CA LYS C 474 -35.94 -22.59 -11.36
C LYS C 474 -36.41 -23.83 -10.62
N GLN C 475 -35.59 -24.36 -9.73
CA GLN C 475 -35.94 -25.58 -9.00
C GLN C 475 -37.11 -25.35 -8.05
N ASN C 476 -37.24 -24.15 -7.49
CA ASN C 476 -38.24 -23.88 -6.48
C ASN C 476 -38.89 -22.54 -6.72
N LYS C 477 -40.16 -22.43 -6.34
CA LYS C 477 -40.82 -21.13 -6.34
C LYS C 477 -40.17 -20.16 -5.36
N PRO C 478 -39.90 -20.52 -4.11
CA PRO C 478 -39.25 -19.59 -3.18
C PRO C 478 -37.75 -19.48 -3.43
N ALA C 479 -37.22 -18.28 -3.17
CA ALA C 479 -35.80 -18.01 -3.28
C ALA C 479 -35.42 -16.98 -2.21
N ILE C 480 -34.17 -17.06 -1.75
CA ILE C 480 -33.71 -16.19 -0.67
C ILE C 480 -33.34 -14.83 -1.26
N PRO C 481 -33.26 -13.77 -0.45
CA PRO C 481 -33.08 -12.43 -0.98
C PRO C 481 -31.62 -12.03 -1.12
N LEU C 482 -31.41 -10.96 -1.87
CA LEU C 482 -30.11 -10.32 -1.96
C LEU C 482 -30.33 -8.82 -2.18
N PRO C 483 -29.36 -8.00 -1.81
CA PRO C 483 -29.56 -6.55 -1.78
C PRO C 483 -29.27 -5.88 -3.11
N GLN C 484 -29.76 -4.64 -3.21
CA GLN C 484 -29.32 -3.76 -4.29
C GLN C 484 -27.89 -3.32 -4.03
N ILE C 485 -27.17 -3.02 -5.10
CA ILE C 485 -25.76 -2.68 -5.04
C ILE C 485 -25.48 -1.48 -5.92
N LEU C 486 -25.02 -0.40 -5.31
CA LEU C 486 -24.55 0.78 -6.02
C LEU C 486 -23.04 0.82 -5.97
N GLY C 487 -22.42 1.38 -7.01
CA GLY C 487 -20.98 1.52 -7.05
C GLY C 487 -20.58 2.83 -7.68
N LEU C 488 -19.78 3.62 -6.96
CA LEU C 488 -19.36 4.94 -7.41
C LEU C 488 -17.85 4.99 -7.58
N THR C 489 -17.41 5.67 -8.64
CA THR C 489 -15.99 5.79 -8.94
C THR C 489 -15.77 7.05 -9.77
N ALA C 490 -14.54 7.57 -9.71
CA ALA C 490 -14.17 8.66 -10.60
C ALA C 490 -14.09 8.19 -12.03
N SER C 491 -13.39 7.06 -12.25
CA SER C 491 -13.29 6.43 -13.54
C SER C 491 -13.08 4.95 -13.28
N PRO C 492 -13.71 4.07 -14.05
CA PRO C 492 -13.51 2.64 -13.81
C PRO C 492 -12.08 2.21 -13.99
N GLY C 493 -11.29 2.96 -14.73
CA GLY C 493 -9.90 2.63 -14.94
C GLY C 493 -9.73 1.54 -15.99
N VAL C 494 -8.49 1.40 -16.44
CA VAL C 494 -8.14 0.44 -17.48
C VAL C 494 -6.76 -0.12 -17.19
N GLY C 495 -6.66 -1.45 -17.11
CA GLY C 495 -5.44 -2.08 -16.67
C GLY C 495 -4.76 -2.90 -17.75
N ALA C 496 -3.55 -2.49 -18.14
CA ALA C 496 -2.72 -3.26 -19.05
C ALA C 496 -3.48 -3.63 -20.32
N ALA C 497 -4.22 -2.68 -20.85
CA ALA C 497 -4.99 -2.89 -22.05
C ALA C 497 -4.31 -2.13 -23.18
N LYS C 498 -3.62 -2.85 -24.05
CA LYS C 498 -3.04 -2.29 -25.25
C LYS C 498 -4.04 -2.24 -26.40
N LYS C 499 -5.25 -2.73 -26.18
CA LYS C 499 -6.27 -2.76 -27.21
C LYS C 499 -7.62 -2.38 -26.61
N GLN C 500 -8.47 -1.77 -27.43
CA GLN C 500 -9.81 -1.47 -26.98
C GLN C 500 -10.57 -2.72 -26.61
N SER C 501 -10.15 -3.87 -27.13
CA SER C 501 -10.79 -5.12 -26.78
C SER C 501 -10.43 -5.55 -25.37
N GLU C 502 -9.14 -5.52 -25.05
CA GLU C 502 -8.75 -5.84 -23.68
C GLU C 502 -9.39 -4.88 -22.71
N ALA C 503 -9.46 -3.61 -23.08
CA ALA C 503 -10.08 -2.62 -22.21
C ALA C 503 -11.55 -2.95 -21.99
N GLU C 504 -12.25 -3.29 -23.07
CA GLU C 504 -13.65 -3.67 -22.94
C GLU C 504 -13.78 -4.84 -21.98
N LYS C 505 -12.89 -5.81 -22.12
CA LYS C 505 -12.94 -6.99 -21.26
C LYS C 505 -12.71 -6.61 -19.81
N HIS C 506 -11.74 -5.73 -19.55
CA HIS C 506 -11.46 -5.30 -18.19
C HIS C 506 -12.67 -4.62 -17.58
N ILE C 507 -13.31 -3.73 -18.34
CA ILE C 507 -14.51 -3.06 -17.86
C ILE C 507 -15.59 -4.06 -17.53
N LEU C 508 -15.81 -5.01 -18.43
CA LEU C 508 -16.83 -6.02 -18.20
C LEU C 508 -16.51 -6.84 -16.96
N ASN C 509 -15.23 -7.12 -16.73
CA ASN C 509 -14.83 -7.85 -15.55
C ASN C 509 -15.18 -7.07 -14.29
N ILE C 510 -14.98 -5.76 -14.34
CA ILE C 510 -15.36 -4.92 -13.20
C ILE C 510 -16.86 -5.00 -12.96
N CYS C 511 -17.65 -4.80 -14.02
CA CYS C 511 -19.09 -4.85 -13.87
C CYS C 511 -19.54 -6.19 -13.33
N ALA C 512 -18.92 -7.28 -13.80
CA ALA C 512 -19.26 -8.60 -13.28
C ALA C 512 -18.94 -8.71 -11.81
N ASN C 513 -17.78 -8.19 -11.40
CA ASN C 513 -17.42 -8.26 -9.99
C ASN C 513 -18.47 -7.56 -9.15
N LEU C 514 -18.91 -6.38 -9.59
CA LEU C 514 -20.00 -5.69 -8.91
C LEU C 514 -21.35 -6.32 -9.21
N ASP C 515 -21.48 -7.05 -10.32
CA ASP C 515 -22.75 -7.57 -10.78
C ASP C 515 -23.71 -6.46 -11.20
N ALA C 516 -23.14 -5.35 -11.67
CA ALA C 516 -23.96 -4.20 -12.00
C ALA C 516 -24.71 -4.38 -13.31
N PHE C 517 -25.85 -3.70 -13.42
CA PHE C 517 -26.68 -3.79 -14.61
C PHE C 517 -26.04 -3.06 -15.78
N THR C 518 -25.57 -1.84 -15.55
CA THR C 518 -25.00 -1.01 -16.61
C THR C 518 -24.10 0.05 -16.00
N ILE C 519 -23.21 0.58 -16.84
CA ILE C 519 -22.44 1.78 -16.52
C ILE C 519 -23.28 2.98 -16.91
N LYS C 520 -23.04 4.12 -16.27
CA LYS C 520 -23.79 5.34 -16.54
C LYS C 520 -22.83 6.53 -16.53
N THR C 521 -22.94 7.38 -17.54
CA THR C 521 -22.18 8.62 -17.62
C THR C 521 -23.04 9.69 -18.26
N VAL C 522 -22.69 10.95 -17.99
CA VAL C 522 -23.50 12.09 -18.38
C VAL C 522 -22.98 12.62 -19.70
N LYS C 523 -23.88 12.72 -20.70
CA LYS C 523 -23.55 13.36 -21.96
C LYS C 523 -24.57 14.46 -22.25
N GLU C 524 -25.85 14.20 -21.99
CA GLU C 524 -26.89 15.16 -22.32
C GLU C 524 -26.71 16.45 -21.54
N ASN C 525 -26.63 16.37 -20.22
CA ASN C 525 -26.42 17.53 -19.37
C ASN C 525 -24.94 17.83 -19.19
N LEU C 526 -24.08 17.21 -20.00
CA LEU C 526 -22.65 17.26 -19.75
C LEU C 526 -22.12 18.68 -19.75
N GLY C 527 -22.68 19.54 -20.60
CA GLY C 527 -22.19 20.90 -20.68
C GLY C 527 -22.31 21.64 -19.36
N GLN C 528 -23.42 21.43 -18.64
CA GLN C 528 -23.60 22.07 -17.35
C GLN C 528 -22.45 21.70 -16.41
N LEU C 529 -22.17 20.41 -16.27
CA LEU C 529 -21.09 19.97 -15.39
C LEU C 529 -19.74 20.47 -15.92
N LYS C 530 -19.54 20.44 -17.23
CA LYS C 530 -18.26 20.82 -17.79
C LYS C 530 -17.94 22.27 -17.45
N HIS C 531 -18.90 23.17 -17.66
CA HIS C 531 -18.70 24.56 -17.31
C HIS C 531 -18.58 24.73 -15.80
N GLN C 532 -19.38 23.98 -15.03
CA GLN C 532 -19.35 24.12 -13.58
C GLN C 532 -17.98 23.75 -13.03
N ILE C 533 -17.34 22.72 -13.58
CA ILE C 533 -16.09 22.19 -13.05
C ILE C 533 -14.93 22.77 -13.85
N LYS C 534 -13.94 23.30 -13.14
CA LYS C 534 -12.71 23.79 -13.76
C LYS C 534 -11.73 22.63 -13.84
N GLU C 535 -11.26 22.35 -15.05
CA GLU C 535 -10.41 21.19 -15.29
C GLU C 535 -9.07 21.66 -15.84
N PRO C 536 -7.95 21.34 -15.20
CA PRO C 536 -6.66 21.92 -15.62
C PRO C 536 -6.20 21.39 -16.96
N CYS C 537 -5.32 22.15 -17.60
CA CYS C 537 -4.74 21.72 -18.86
C CYS C 537 -3.55 20.79 -18.61
N LYS C 538 -3.33 19.89 -19.56
CA LYS C 538 -2.20 18.97 -19.51
C LYS C 538 -0.96 19.65 -20.08
N LYS C 539 0.20 19.23 -19.58
CA LYS C 539 1.45 19.85 -19.99
C LYS C 539 2.60 19.03 -19.45
N PHE C 540 3.74 19.09 -20.15
CA PHE C 540 4.98 18.48 -19.69
C PHE C 540 6.13 19.45 -19.95
N VAL C 541 7.00 19.60 -18.96
CA VAL C 541 8.15 20.47 -19.05
C VAL C 541 9.35 19.75 -18.44
N ILE C 542 10.46 19.75 -19.16
CA ILE C 542 11.67 19.04 -18.73
C ILE C 542 12.85 20.00 -18.78
N ALA C 543 13.82 19.74 -17.93
CA ALA C 543 15.04 20.56 -17.87
C ALA C 543 16.20 19.85 -18.54
N ASN C 549 30.09 13.05 -9.73
CA ASN C 549 30.63 12.22 -10.78
C ASN C 549 31.89 11.48 -10.30
N PRO C 550 32.93 12.22 -9.90
CA PRO C 550 34.15 11.52 -9.45
C PRO C 550 33.90 10.58 -8.30
N PHE C 551 33.04 10.99 -7.36
CA PHE C 551 32.69 10.11 -6.25
C PHE C 551 32.01 8.86 -6.76
N LYS C 552 31.11 9.01 -7.73
CA LYS C 552 30.48 7.86 -8.36
C LYS C 552 31.55 6.92 -8.93
N GLU C 553 32.54 7.50 -9.60
CA GLU C 553 33.58 6.68 -10.20
C GLU C 553 34.36 5.92 -9.14
N LYS C 554 34.71 6.59 -8.05
CA LYS C 554 35.44 5.91 -6.99
C LYS C 554 34.62 4.79 -6.38
N LEU C 555 33.33 5.04 -6.16
CA LEU C 555 32.48 4.02 -5.59
C LEU C 555 32.38 2.83 -6.54
N LEU C 556 32.22 3.10 -7.83
CA LEU C 556 32.22 2.03 -8.81
C LEU C 556 33.52 1.26 -8.79
N GLU C 557 34.63 1.97 -8.65
CA GLU C 557 35.93 1.31 -8.57
C GLU C 557 35.98 0.38 -7.38
N ILE C 558 35.46 0.83 -6.24
CA ILE C 558 35.45 -0.01 -5.05
C ILE C 558 34.55 -1.22 -5.26
N MET C 559 33.42 -1.03 -5.93
CA MET C 559 32.57 -2.16 -6.25
C MET C 559 33.31 -3.16 -7.12
N ALA C 560 34.05 -2.66 -8.10
CA ALA C 560 34.85 -3.54 -8.95
C ALA C 560 35.92 -4.24 -8.12
N SER C 561 36.47 -3.52 -7.14
CA SER C 561 37.48 -4.13 -6.27
C SER C 561 36.88 -5.29 -5.50
N ILE C 562 35.67 -5.12 -4.98
CA ILE C 562 35.00 -6.21 -4.28
C ILE C 562 34.70 -7.34 -5.25
N GLN C 563 34.28 -6.99 -6.47
CA GLN C 563 34.01 -8.02 -7.46
C GLN C 563 35.26 -8.84 -7.71
N THR C 564 36.42 -8.17 -7.83
CA THR C 564 37.68 -8.87 -7.97
C THR C 564 38.01 -9.68 -6.72
N TYR C 565 37.64 -9.16 -5.55
CA TYR C 565 37.90 -9.82 -4.28
C TYR C 565 36.95 -11.00 -4.05
N CYS C 566 35.88 -11.09 -4.83
CA CYS C 566 34.86 -12.11 -4.67
C CYS C 566 34.65 -12.92 -5.95
N GLN C 567 35.33 -12.56 -7.03
CA GLN C 567 35.12 -13.21 -8.31
C GLN C 567 33.64 -13.12 -8.71
N LYS C 568 33.04 -11.98 -8.40
CA LYS C 568 31.63 -11.75 -8.65
C LYS C 568 31.45 -11.08 -10.00
N SER C 569 30.72 -11.74 -10.90
CA SER C 569 30.45 -11.20 -12.22
C SER C 569 29.08 -10.55 -12.23
N PRO C 570 28.97 -9.23 -12.39
CA PRO C 570 27.64 -8.61 -12.37
C PRO C 570 26.72 -9.13 -13.47
N MET C 571 27.27 -9.41 -14.65
CA MET C 571 26.44 -9.80 -15.79
C MET C 571 25.35 -8.77 -16.04
N SER C 572 25.69 -7.50 -15.80
CA SER C 572 24.71 -6.42 -15.84
C SER C 572 25.46 -5.11 -15.67
N ASP C 573 24.75 -4.01 -15.93
CA ASP C 573 25.32 -2.69 -15.80
C ASP C 573 25.25 -2.21 -14.35
N PHE C 574 25.94 -1.11 -14.07
CA PHE C 574 25.91 -0.50 -12.76
C PHE C 574 24.68 0.39 -12.63
N GLY C 575 24.21 0.54 -11.39
CA GLY C 575 23.06 1.40 -11.15
C GLY C 575 21.80 0.92 -11.81
N THR C 576 21.56 -0.39 -11.78
CA THR C 576 20.40 -0.98 -12.41
C THR C 576 19.73 -1.97 -11.47
N GLN C 577 18.43 -2.18 -11.69
CA GLN C 577 17.69 -3.11 -10.86
C GLN C 577 18.24 -4.52 -11.01
N HIS C 578 18.58 -4.91 -12.23
CA HIS C 578 18.98 -6.28 -12.48
C HIS C 578 20.21 -6.65 -11.67
N TYR C 579 21.13 -5.72 -11.47
CA TYR C 579 22.27 -6.01 -10.62
C TYR C 579 21.82 -6.29 -9.19
N GLU C 580 20.85 -5.52 -8.70
CA GLU C 580 20.33 -5.76 -7.37
C GLU C 580 19.65 -7.12 -7.31
N GLN C 581 18.88 -7.45 -8.35
CA GLN C 581 18.20 -8.74 -8.38
C GLN C 581 19.21 -9.88 -8.35
N TRP C 582 20.30 -9.74 -9.11
CA TRP C 582 21.34 -10.74 -9.05
C TRP C 582 21.99 -10.78 -7.68
N ALA C 583 22.23 -9.60 -7.09
CA ALA C 583 22.85 -9.56 -5.78
C ALA C 583 22.02 -10.35 -4.78
N ILE C 584 20.70 -10.19 -4.85
CA ILE C 584 19.82 -10.87 -3.91
C ILE C 584 19.82 -12.37 -4.19
N GLN C 585 19.74 -12.76 -5.46
CA GLN C 585 19.74 -14.18 -5.77
C GLN C 585 21.04 -14.83 -5.35
N MET C 586 22.16 -14.15 -5.61
CA MET C 586 23.45 -14.65 -5.16
C MET C 586 23.50 -14.73 -3.64
N GLU C 587 22.89 -13.76 -2.97
CA GLU C 587 22.83 -13.78 -1.52
C GLU C 587 22.08 -15.02 -1.03
N LYS C 588 20.95 -15.34 -1.67
CA LYS C 588 20.21 -16.54 -1.31
C LYS C 588 21.05 -17.78 -1.52
N LYS C 589 21.78 -17.84 -2.63
CA LYS C 589 22.63 -19.00 -2.88
C LYS C 589 23.72 -19.11 -1.83
N ALA C 590 24.34 -17.98 -1.48
CA ALA C 590 25.35 -18.00 -0.43
C ALA C 590 24.75 -18.49 0.89
N ALA C 591 23.51 -18.09 1.17
CA ALA C 591 22.85 -18.55 2.38
C ALA C 591 22.68 -20.05 2.35
N LYS C 592 22.21 -20.61 1.24
CA LYS C 592 22.08 -22.05 1.14
C LYS C 592 23.43 -22.76 1.13
N ASP C 593 24.49 -22.04 0.80
CA ASP C 593 25.84 -22.59 0.84
C ASP C 593 26.55 -22.33 2.15
N GLY C 594 25.95 -21.55 3.04
CA GLY C 594 26.59 -21.26 4.31
C GLY C 594 27.96 -20.61 4.16
N ASN C 595 28.21 -19.94 3.05
CA ASN C 595 29.51 -19.36 2.77
C ASN C 595 29.49 -17.85 2.93
N ARG C 596 30.67 -17.29 3.20
CA ARG C 596 30.87 -15.87 3.40
C ARG C 596 31.59 -15.27 2.20
N LYS C 597 31.65 -13.94 2.18
CA LYS C 597 32.11 -13.19 1.02
C LYS C 597 31.20 -13.45 -0.16
N ASP C 598 30.11 -14.17 0.09
CA ASP C 598 29.15 -14.57 -0.91
C ASP C 598 27.79 -13.97 -0.63
N ARG C 599 27.26 -14.19 0.57
CA ARG C 599 26.12 -13.45 1.08
C ARG C 599 26.56 -12.07 1.57
N VAL C 600 27.72 -12.02 2.22
CA VAL C 600 28.19 -10.78 2.82
C VAL C 600 28.53 -9.75 1.75
N CYS C 601 29.45 -10.13 0.85
CA CYS C 601 29.89 -9.18 -0.15
C CYS C 601 28.77 -8.88 -1.15
N ALA C 602 27.92 -9.87 -1.42
CA ALA C 602 26.76 -9.60 -2.26
C ALA C 602 25.86 -8.56 -1.62
N GLU C 603 25.64 -8.68 -0.31
CA GLU C 603 24.86 -7.68 0.40
C GLU C 603 25.53 -6.32 0.36
N HIS C 604 26.85 -6.29 0.56
CA HIS C 604 27.58 -5.03 0.50
C HIS C 604 27.45 -4.40 -0.88
N LEU C 605 27.57 -5.21 -1.92
CA LEU C 605 27.43 -4.70 -3.28
C LEU C 605 26.06 -4.13 -3.50
N ARG C 606 25.03 -4.82 -2.99
CA ARG C 606 23.68 -4.30 -3.12
C ARG C 606 23.56 -2.94 -2.44
N LYS C 607 24.17 -2.81 -1.26
CA LYS C 607 24.22 -1.52 -0.60
C LYS C 607 24.87 -0.48 -1.48
N TYR C 608 25.97 -0.85 -2.14
CA TYR C 608 26.67 0.09 -3.00
C TYR C 608 25.79 0.51 -4.16
N ASN C 609 25.07 -0.45 -4.76
CA ASN C 609 24.23 -0.11 -5.90
C ASN C 609 23.07 0.77 -5.47
N GLU C 610 22.57 0.56 -4.25
CA GLU C 610 21.58 1.49 -3.71
C GLU C 610 22.17 2.88 -3.59
N ALA C 611 23.40 2.97 -3.11
CA ALA C 611 24.06 4.28 -3.05
C ALA C 611 24.17 4.88 -4.45
N LEU C 612 24.48 4.05 -5.44
CA LEU C 612 24.57 4.54 -6.81
C LEU C 612 23.26 5.15 -7.25
N GLN C 613 22.18 4.37 -7.15
CA GLN C 613 20.89 4.85 -7.64
C GLN C 613 20.47 6.10 -6.90
N ILE C 614 20.86 6.20 -5.62
CA ILE C 614 20.66 7.46 -4.90
C ILE C 614 21.40 8.58 -5.61
N ASN C 615 22.69 8.37 -5.87
CA ASN C 615 23.51 9.42 -6.44
C ASN C 615 23.02 9.79 -7.83
N ASP C 616 22.44 8.84 -8.55
CA ASP C 616 21.97 9.11 -9.90
C ASP C 616 20.96 10.25 -9.95
N THR C 617 20.25 10.49 -8.85
CA THR C 617 19.27 11.57 -8.79
C THR C 617 19.48 12.51 -7.61
N ILE C 618 20.37 12.18 -6.70
CA ILE C 618 20.43 12.83 -5.40
C ILE C 618 21.84 13.34 -5.14
N ARG C 619 21.94 14.29 -4.23
CA ARG C 619 23.24 14.78 -3.81
C ARG C 619 24.04 13.64 -3.19
N MET C 620 25.20 13.35 -3.79
CA MET C 620 26.05 12.27 -3.31
C MET C 620 26.35 12.40 -1.82
N ILE C 621 26.17 13.59 -1.25
CA ILE C 621 26.22 13.73 0.20
C ILE C 621 25.30 12.71 0.84
N ASP C 622 24.12 12.54 0.26
CA ASP C 622 23.15 11.62 0.85
C ASP C 622 23.65 10.19 0.80
N ALA C 623 24.35 9.81 -0.27
CA ALA C 623 24.95 8.49 -0.32
C ALA C 623 26.05 8.35 0.72
N TYR C 624 26.84 9.40 0.90
CA TYR C 624 27.83 9.40 1.97
C TYR C 624 27.15 9.24 3.32
N SER C 625 25.99 9.89 3.50
CA SER C 625 25.21 9.70 4.71
C SER C 625 24.71 8.26 4.80
N HIS C 626 24.27 7.72 3.67
CA HIS C 626 23.75 6.36 3.63
C HIS C 626 24.80 5.38 4.13
N LEU C 627 26.01 5.47 3.61
CA LEU C 627 27.05 4.53 3.98
C LEU C 627 27.71 4.92 5.29
N GLU C 628 27.70 6.20 5.65
CA GLU C 628 28.08 6.59 7.00
C GLU C 628 27.21 5.84 8.01
N THR C 629 25.90 5.93 7.82
CA THR C 629 24.98 5.18 8.67
C THR C 629 25.31 3.69 8.63
N PHE C 630 25.42 3.13 7.43
CA PHE C 630 25.61 1.70 7.29
C PHE C 630 26.86 1.23 8.03
N TYR C 631 28.00 1.83 7.71
CA TYR C 631 29.26 1.36 8.26
C TYR C 631 29.40 1.71 9.73
N THR C 632 28.90 2.87 10.15
CA THR C 632 28.95 3.21 11.57
C THR C 632 28.15 2.21 12.39
N ASP C 633 26.96 1.83 11.91
CA ASP C 633 26.17 0.83 12.61
C ASP C 633 26.86 -0.52 12.61
N GLU C 634 27.48 -0.88 11.49
CA GLU C 634 28.24 -2.13 11.43
C GLU C 634 29.39 -2.10 12.43
N LYS C 635 30.07 -0.96 12.53
CA LYS C 635 31.13 -0.82 13.52
C LYS C 635 30.59 -0.99 14.92
N GLU C 636 29.43 -0.40 15.20
CA GLU C 636 28.83 -0.54 16.51
C GLU C 636 28.48 -1.99 16.81
N LYS C 637 27.97 -2.71 15.80
CA LYS C 637 27.69 -4.13 15.98
C LYS C 637 28.95 -4.91 16.26
N LYS C 638 30.03 -4.62 15.52
CA LYS C 638 31.29 -5.31 15.75
C LYS C 638 31.83 -4.99 17.14
N PHE C 639 31.71 -3.74 17.57
CA PHE C 639 32.15 -3.37 18.91
C PHE C 639 31.37 -4.13 19.97
N ALA C 640 30.05 -4.22 19.80
CA ALA C 640 29.24 -5.00 20.74
C ALA C 640 29.67 -6.46 20.74
N VAL C 641 29.94 -7.01 19.56
CA VAL C 641 30.45 -8.38 19.46
C VAL C 641 31.74 -8.52 20.24
N LEU C 642 32.64 -7.53 20.11
CA LEU C 642 33.92 -7.60 20.78
C LEU C 642 33.78 -7.65 22.29
N ASN C 643 32.74 -7.01 22.81
CA ASN C 643 32.51 -6.98 24.25
C ASN C 643 31.78 -8.23 24.73
N LEU C 669 35.86 -9.47 13.82
CA LEU C 669 36.48 -9.06 12.56
C LEU C 669 37.30 -10.18 11.97
N ASP C 670 37.20 -10.34 10.65
CA ASP C 670 37.95 -11.36 9.92
C ASP C 670 38.47 -10.72 8.64
N GLU C 671 39.03 -11.55 7.76
CA GLU C 671 39.55 -11.04 6.50
C GLU C 671 38.47 -10.32 5.71
N THR C 672 37.27 -10.89 5.67
CA THR C 672 36.19 -10.29 4.89
C THR C 672 35.85 -8.91 5.43
N ASP C 673 35.33 -8.85 6.66
CA ASP C 673 34.86 -7.59 7.19
C ASP C 673 35.98 -6.55 7.22
N GLU C 674 37.18 -6.96 7.62
CA GLU C 674 38.32 -6.04 7.63
C GLU C 674 38.57 -5.51 6.22
N PHE C 675 38.60 -6.40 5.24
CA PHE C 675 38.82 -5.98 3.86
C PHE C 675 37.79 -4.94 3.45
N LEU C 676 36.52 -5.24 3.68
CA LEU C 676 35.46 -4.36 3.20
C LEU C 676 35.46 -3.04 3.96
N MET C 677 35.53 -3.10 5.29
CA MET C 677 35.47 -1.89 6.09
C MET C 677 36.64 -0.97 5.78
N ASN C 678 37.85 -1.53 5.72
CA ASN C 678 39.01 -0.71 5.42
C ASN C 678 38.96 -0.22 3.98
N LEU C 679 38.53 -1.08 3.07
CA LEU C 679 38.39 -0.67 1.69
C LEU C 679 37.47 0.55 1.57
N PHE C 680 36.52 0.67 2.50
CA PHE C 680 35.67 1.85 2.53
C PHE C 680 36.35 3.00 3.25
N PHE C 681 36.76 2.78 4.50
CA PHE C 681 37.27 3.87 5.32
C PHE C 681 38.46 4.54 4.65
N ASP C 682 39.29 3.76 3.96
CA ASP C 682 40.46 4.34 3.31
C ASP C 682 40.06 5.47 2.37
N ASN C 683 38.98 5.28 1.60
CA ASN C 683 38.52 6.29 0.68
C ASN C 683 37.41 7.16 1.25
N LYS C 684 36.99 6.92 2.51
CA LYS C 684 35.85 7.63 3.04
C LYS C 684 36.05 9.14 3.01
N LYS C 685 37.20 9.61 3.52
CA LYS C 685 37.45 11.04 3.55
C LYS C 685 37.52 11.62 2.14
N MET C 686 38.18 10.92 1.23
CA MET C 686 38.28 11.39 -0.15
C MET C 686 36.90 11.46 -0.78
N LEU C 687 36.08 10.44 -0.52
CA LEU C 687 34.72 10.44 -1.04
C LEU C 687 33.95 11.62 -0.48
N LYS C 688 34.13 11.92 0.80
CA LYS C 688 33.46 13.06 1.40
C LYS C 688 33.89 14.35 0.72
N LYS C 689 35.19 14.50 0.46
CA LYS C 689 35.67 15.70 -0.23
C LYS C 689 35.05 15.80 -1.61
N LEU C 690 35.01 14.69 -2.33
CA LEU C 690 34.36 14.66 -3.63
C LEU C 690 32.89 15.04 -3.51
N ALA C 691 32.26 14.63 -2.40
CA ALA C 691 30.83 14.89 -2.23
C ALA C 691 30.54 16.38 -2.19
N GLU C 692 31.46 17.17 -1.66
CA GLU C 692 31.28 18.61 -1.66
C GLU C 692 31.29 19.20 -3.07
N ASN C 693 31.91 18.53 -4.02
CA ASN C 693 31.93 19.03 -5.39
C ASN C 693 30.60 18.73 -6.08
N PRO C 694 29.87 19.73 -6.56
CA PRO C 694 28.65 19.42 -7.33
C PRO C 694 28.95 18.61 -8.57
N LYS C 695 30.11 18.82 -9.19
CA LYS C 695 30.51 18.06 -10.36
C LYS C 695 31.04 16.69 -9.97
N GLU C 699 23.85 15.85 -11.42
CA GLU C 699 23.13 16.55 -10.37
C GLU C 699 21.76 16.99 -10.86
N LYS C 700 20.86 16.03 -11.05
CA LYS C 700 19.51 16.37 -11.47
C LYS C 700 18.86 17.36 -10.51
N LEU C 701 19.09 17.18 -9.20
CA LEU C 701 18.43 18.04 -8.23
C LEU C 701 18.76 19.50 -8.47
N ILE C 702 19.98 19.78 -8.91
CA ILE C 702 20.35 21.16 -9.20
C ILE C 702 19.53 21.69 -10.37
N LYS C 703 19.24 20.84 -11.35
CA LYS C 703 18.36 21.25 -12.43
C LYS C 703 16.97 21.59 -11.91
N LEU C 704 16.42 20.71 -11.07
CA LEU C 704 15.08 20.93 -10.55
C LEU C 704 15.02 22.19 -9.71
N ARG C 705 16.09 22.50 -9.00
CA ARG C 705 16.13 23.71 -8.19
C ARG C 705 15.91 24.95 -9.06
N ASN C 706 16.64 25.04 -10.16
CA ASN C 706 16.46 26.18 -11.06
C ASN C 706 15.04 26.20 -11.61
N THR C 707 14.54 25.03 -12.02
CA THR C 707 13.18 24.96 -12.52
C THR C 707 12.20 25.50 -11.50
N ILE C 708 12.36 25.08 -10.24
CA ILE C 708 11.42 25.44 -9.19
C ILE C 708 11.46 26.93 -8.90
N LEU C 709 12.66 27.48 -8.78
CA LEU C 709 12.78 28.92 -8.52
C LEU C 709 12.15 29.72 -9.64
N GLU C 710 12.38 29.30 -10.89
CA GLU C 710 11.76 29.96 -12.03
C GLU C 710 10.24 29.92 -11.90
N GLN C 711 9.69 28.76 -11.49
CA GLN C 711 8.25 28.67 -11.28
C GLN C 711 7.80 29.64 -10.20
N PHE C 712 8.56 29.72 -9.10
CA PHE C 712 8.13 30.56 -7.98
C PHE C 712 8.06 32.03 -8.37
N THR C 713 8.92 32.46 -9.29
CA THR C 713 8.80 33.85 -9.76
C THR C 713 7.42 34.09 -10.37
N ARG C 714 6.88 33.08 -11.07
CA ARG C 714 5.52 33.21 -11.59
C ARG C 714 4.51 33.34 -10.46
N SER C 715 4.69 32.57 -9.39
CA SER C 715 3.73 32.56 -8.30
C SER C 715 3.63 33.93 -7.65
N GLU C 716 2.44 34.26 -7.18
CA GLU C 716 2.20 35.56 -6.56
C GLU C 716 1.18 35.46 -5.43
N SER C 719 1.29 30.36 -5.19
CA SER C 719 1.83 30.31 -3.84
C SER C 719 1.68 28.90 -3.25
N ARG C 720 0.98 28.02 -3.95
CA ARG C 720 0.79 26.64 -3.52
C ARG C 720 1.37 25.70 -4.55
N GLY C 721 2.08 24.68 -4.08
CA GLY C 721 2.71 23.71 -4.97
C GLY C 721 2.82 22.36 -4.30
N ILE C 722 2.88 21.31 -5.11
CA ILE C 722 3.02 19.94 -4.61
C ILE C 722 4.15 19.27 -5.37
N ILE C 723 5.12 18.75 -4.63
CA ILE C 723 6.15 17.91 -5.22
C ILE C 723 5.71 16.45 -5.12
N PHE C 724 6.26 15.62 -5.99
CA PHE C 724 6.10 14.18 -5.92
C PHE C 724 7.43 13.52 -6.17
N THR C 725 7.57 12.29 -5.69
CA THR C 725 8.78 11.50 -5.91
C THR C 725 8.49 10.06 -5.54
N LYS C 726 9.42 9.19 -5.93
CA LYS C 726 9.17 7.76 -5.85
C LYS C 726 9.27 7.25 -4.42
N THR C 727 10.33 7.60 -3.73
CA THR C 727 10.65 6.99 -2.44
C THR C 727 10.41 7.96 -1.30
N ARG C 728 10.50 7.43 -0.08
CA ARG C 728 10.38 8.24 1.13
C ARG C 728 11.65 9.03 1.40
N GLN C 729 12.80 8.35 1.35
CA GLN C 729 14.07 9.04 1.56
C GLN C 729 14.20 10.22 0.62
N SER C 730 13.65 10.09 -0.59
CA SER C 730 13.72 11.19 -1.54
C SER C 730 13.05 12.43 -0.99
N THR C 731 11.88 12.28 -0.38
CA THR C 731 11.15 13.44 0.12
C THR C 731 11.95 14.14 1.21
N TYR C 732 12.50 13.36 2.14
CA TYR C 732 13.29 13.95 3.22
C TYR C 732 14.51 14.66 2.67
N ALA C 733 15.19 14.04 1.70
CA ALA C 733 16.37 14.67 1.11
C ALA C 733 16.01 15.97 0.44
N LEU C 734 14.90 15.99 -0.32
CA LEU C 734 14.48 17.22 -0.98
C LEU C 734 14.18 18.31 0.02
N SER C 735 13.42 17.99 1.06
CA SER C 735 13.08 19.00 2.05
C SER C 735 14.33 19.53 2.72
N GLN C 736 15.26 18.63 3.08
CA GLN C 736 16.50 19.05 3.71
C GLN C 736 17.32 19.94 2.78
N TRP C 737 17.45 19.53 1.52
CA TRP C 737 18.26 20.27 0.56
C TRP C 737 17.66 21.65 0.31
N ILE C 738 16.34 21.72 0.15
CA ILE C 738 15.68 23.00 -0.10
C ILE C 738 15.81 23.91 1.11
N MET C 739 15.57 23.38 2.31
CA MET C 739 15.75 24.18 3.52
C MET C 739 17.17 24.71 3.60
N GLU C 740 18.15 23.85 3.32
CA GLU C 740 19.55 24.28 3.36
C GLU C 740 19.83 25.34 2.30
N ASN C 741 19.21 25.21 1.13
CA ASN C 741 19.47 26.14 0.03
C ASN C 741 19.01 27.55 0.40
N ALA C 742 19.90 28.52 0.21
CA ALA C 742 19.59 29.89 0.58
C ALA C 742 18.58 30.52 -0.38
N LYS C 743 18.65 30.15 -1.66
CA LYS C 743 17.79 30.78 -2.64
C LYS C 743 16.32 30.61 -2.29
N PHE C 744 15.91 29.39 -1.98
CA PHE C 744 14.50 29.15 -1.65
C PHE C 744 14.09 29.96 -0.43
N ALA C 745 14.99 30.07 0.56
CA ALA C 745 14.73 30.96 1.67
C ALA C 745 14.55 32.39 1.19
N GLU C 746 15.39 32.81 0.23
CA GLU C 746 15.27 34.15 -0.32
C GLU C 746 13.92 34.37 -0.96
N VAL C 747 13.41 33.36 -1.66
CA VAL C 747 12.07 33.45 -2.25
C VAL C 747 11.03 33.61 -1.15
N GLY C 748 11.23 32.91 -0.04
CA GLY C 748 10.29 32.97 1.06
C GLY C 748 9.18 31.96 0.99
N VAL C 749 9.38 30.83 0.30
CA VAL C 749 8.39 29.78 0.19
C VAL C 749 8.85 28.62 1.06
N LYS C 750 8.01 28.22 2.01
CA LYS C 750 8.37 27.15 2.92
C LYS C 750 7.97 25.79 2.34
N ALA C 751 8.58 24.74 2.87
CA ALA C 751 8.37 23.40 2.35
C ALA C 751 8.50 22.39 3.48
N HIS C 752 7.73 21.31 3.39
CA HIS C 752 7.76 20.24 4.38
C HIS C 752 7.51 18.92 3.67
N HIS C 753 7.99 17.83 4.27
CA HIS C 753 7.85 16.53 3.65
C HIS C 753 6.53 15.89 4.06
N LEU C 754 6.12 14.88 3.30
CA LEU C 754 4.90 14.12 3.59
C LEU C 754 5.03 12.73 3.00
N ILE C 755 4.59 11.74 3.76
CA ILE C 755 4.68 10.34 3.36
C ILE C 755 3.48 9.57 3.93
N GLY C 756 3.44 8.27 3.67
CA GLY C 756 2.44 7.40 4.24
C GLY C 756 2.81 6.99 5.66
N ALA C 757 2.06 6.01 6.18
CA ALA C 757 2.20 5.57 7.56
C ALA C 757 2.68 4.12 7.69
N GLY C 758 2.84 3.41 6.58
CA GLY C 758 3.26 2.03 6.67
C GLY C 758 4.69 1.86 7.15
N HIS C 759 4.87 1.01 8.16
CA HIS C 759 6.20 0.75 8.72
C HIS C 759 6.92 -0.21 7.78
N SER C 760 7.48 0.37 6.71
CA SER C 760 8.17 -0.40 5.68
C SER C 760 9.46 0.30 5.30
N SER C 761 10.45 -0.51 4.91
CA SER C 761 11.76 -0.02 4.47
C SER C 761 12.57 0.61 5.60
N GLU C 762 12.20 0.36 6.86
CA GLU C 762 12.95 0.90 8.00
C GLU C 762 13.11 2.41 7.88
N VAL C 763 12.05 3.07 7.41
CA VAL C 763 12.01 4.52 7.30
C VAL C 763 10.87 5.03 8.18
N LYS C 764 11.05 6.21 8.75
CA LYS C 764 10.04 6.77 9.64
C LYS C 764 8.71 6.89 8.90
N PRO C 765 7.63 6.30 9.41
CA PRO C 765 6.32 6.53 8.80
C PRO C 765 5.56 7.68 9.47
N MET C 766 5.07 8.62 8.67
CA MET C 766 4.23 9.68 9.20
C MET C 766 2.94 9.10 9.75
N THR C 767 2.45 9.66 10.85
CA THR C 767 1.20 9.19 11.44
C THR C 767 0.01 9.89 10.81
N GLN C 768 -1.11 9.18 10.77
CA GLN C 768 -2.31 9.74 10.16
C GLN C 768 -2.64 11.09 10.76
N THR C 769 -2.49 11.21 12.08
CA THR C 769 -2.71 12.50 12.72
C THR C 769 -1.75 13.54 12.19
N GLU C 770 -0.47 13.17 12.06
CA GLU C 770 0.52 14.11 11.57
C GLU C 770 0.25 14.49 10.13
N GLN C 771 -0.13 13.51 9.31
CA GLN C 771 -0.50 13.81 7.93
C GLN C 771 -1.63 14.82 7.88
N LYS C 772 -2.68 14.58 8.68
CA LYS C 772 -3.80 15.50 8.70
C LYS C 772 -3.35 16.90 9.11
N GLU C 773 -2.48 16.97 10.12
CA GLU C 773 -1.98 18.26 10.57
C GLU C 773 -1.27 18.98 9.44
N VAL C 774 -0.43 18.26 8.70
CA VAL C 774 0.37 18.89 7.67
C VAL C 774 -0.51 19.43 6.57
N ILE C 775 -1.48 18.64 6.11
CA ILE C 775 -2.33 19.12 5.03
C ILE C 775 -3.15 20.30 5.49
N SER C 776 -3.58 20.29 6.76
CA SER C 776 -4.28 21.45 7.29
C SER C 776 -3.37 22.67 7.29
N LYS C 777 -2.11 22.48 7.69
CA LYS C 777 -1.14 23.57 7.67
C LYS C 777 -1.01 24.15 6.28
N PHE C 778 -0.79 23.29 5.28
CA PHE C 778 -0.61 23.75 3.92
C PHE C 778 -1.85 24.48 3.43
N ARG C 779 -3.03 23.93 3.74
CA ARG C 779 -4.27 24.59 3.35
C ARG C 779 -4.35 25.98 3.96
N THR C 780 -3.90 26.11 5.20
CA THR C 780 -3.86 27.41 5.88
C THR C 780 -2.75 28.30 5.36
N GLY C 781 -1.81 27.74 4.59
CA GLY C 781 -0.69 28.51 4.12
C GLY C 781 0.51 28.50 5.04
N GLU C 782 0.47 27.71 6.11
CA GLU C 782 1.63 27.60 6.98
C GLU C 782 2.82 27.05 6.19
N ILE C 783 2.57 26.09 5.31
CA ILE C 783 3.58 25.55 4.41
C ILE C 783 3.14 25.88 2.99
N ASN C 784 4.02 26.55 2.24
CA ASN C 784 3.68 26.92 0.87
C ASN C 784 3.63 25.70 -0.05
N LEU C 785 4.57 24.76 0.13
CA LEU C 785 4.70 23.61 -0.75
C LEU C 785 4.84 22.34 0.07
N LEU C 786 4.27 21.25 -0.44
CA LEU C 786 4.30 19.96 0.24
C LEU C 786 4.98 18.92 -0.65
N ILE C 787 6.04 18.33 -0.13
CA ILE C 787 6.65 17.15 -0.74
C ILE C 787 5.81 15.93 -0.40
N ALA C 788 5.64 15.02 -1.37
CA ALA C 788 4.74 13.89 -1.21
C ALA C 788 5.25 12.68 -1.96
N THR C 789 4.64 11.52 -1.67
CA THR C 789 5.04 10.23 -2.23
C THR C 789 3.78 9.44 -2.62
N THR C 790 2.91 10.08 -3.37
CA THR C 790 1.64 9.58 -3.87
C THR C 790 0.54 9.62 -2.81
N VAL C 791 0.85 10.01 -1.58
CA VAL C 791 -0.20 10.14 -0.58
C VAL C 791 -1.13 11.28 -0.95
N ALA C 792 -0.56 12.40 -1.39
CA ALA C 792 -1.35 13.57 -1.75
C ALA C 792 -2.11 13.36 -3.05
N GLU C 793 -1.70 12.39 -3.86
CA GLU C 793 -2.33 12.21 -5.17
C GLU C 793 -3.83 11.94 -5.02
N GLU C 794 -4.21 11.16 -4.03
CA GLU C 794 -5.60 10.77 -3.84
C GLU C 794 -5.95 10.76 -2.36
N GLY C 795 -7.25 10.92 -2.07
CA GLY C 795 -7.74 10.82 -0.72
C GLY C 795 -7.56 12.10 0.06
N LEU C 796 -6.31 12.46 0.32
CA LEU C 796 -6.00 13.67 1.07
C LEU C 796 -6.58 14.88 0.33
N ASP C 797 -7.13 15.83 1.10
CA ASP C 797 -7.82 16.98 0.53
C ASP C 797 -6.81 18.06 0.20
N ILE C 798 -6.33 18.03 -1.04
CA ILE C 798 -5.43 19.06 -1.58
C ILE C 798 -6.10 19.60 -2.83
N LYS C 799 -6.36 20.91 -2.85
CA LYS C 799 -7.07 21.53 -3.97
C LYS C 799 -6.58 22.96 -4.13
N GLU C 800 -7.01 23.58 -5.23
CA GLU C 800 -6.69 24.99 -5.50
C GLU C 800 -5.19 25.24 -5.40
N CYS C 801 -4.41 24.36 -6.01
CA CYS C 801 -2.95 24.47 -6.00
C CYS C 801 -2.50 24.92 -7.38
N ASN C 802 -1.61 25.92 -7.42
CA ASN C 802 -1.19 26.50 -8.70
C ASN C 802 -0.49 25.48 -9.58
N ILE C 803 0.50 24.77 -9.03
CA ILE C 803 1.38 23.91 -9.80
C ILE C 803 1.37 22.51 -9.21
N VAL C 804 1.62 21.52 -10.06
CA VAL C 804 1.84 20.15 -9.61
C VAL C 804 3.12 19.62 -10.26
N ILE C 805 4.26 19.84 -9.60
CA ILE C 805 5.53 19.41 -10.17
C ILE C 805 5.81 17.97 -9.78
N ARG C 806 6.55 17.27 -10.65
CA ARG C 806 6.84 15.86 -10.48
C ARG C 806 8.32 15.63 -10.70
N TYR C 807 8.86 14.62 -10.04
CA TYR C 807 10.28 14.29 -10.10
C TYR C 807 10.38 12.79 -10.36
N GLY C 808 10.24 12.42 -11.63
CA GLY C 808 10.33 11.03 -12.00
C GLY C 808 9.29 10.15 -11.34
N LEU C 809 8.07 10.66 -11.18
CA LEU C 809 6.98 9.92 -10.57
C LEU C 809 5.95 9.53 -11.63
N VAL C 810 5.77 8.22 -11.83
CA VAL C 810 4.76 7.74 -12.75
C VAL C 810 3.37 8.05 -12.19
N THR C 811 2.45 8.38 -13.09
CA THR C 811 1.11 8.79 -12.67
C THR C 811 0.07 8.21 -13.61
N ALA C 823 -3.69 20.03 -10.25
CA ALA C 823 -4.03 21.42 -9.93
C ALA C 823 -5.54 21.60 -9.94
N ARG C 824 -5.98 22.80 -9.55
CA ARG C 824 -7.39 23.14 -9.56
C ARG C 824 -7.51 24.66 -9.43
N ALA C 825 -8.74 25.13 -9.29
CA ALA C 825 -9.06 26.56 -9.22
C ALA C 825 -8.97 27.24 -10.57
N ASP C 826 -9.03 26.47 -11.66
CA ASP C 826 -8.89 26.97 -13.02
C ASP C 826 -7.49 27.50 -13.30
N GLU C 827 -6.51 27.06 -12.51
CA GLU C 827 -5.11 27.43 -12.70
C GLU C 827 -4.28 26.16 -12.68
N SER C 828 -3.67 25.82 -13.82
CA SER C 828 -2.87 24.61 -13.94
C SER C 828 -1.48 24.99 -14.44
N THR C 829 -0.47 24.48 -13.75
CA THR C 829 0.93 24.70 -14.10
C THR C 829 1.67 23.38 -14.08
N TYR C 830 1.07 22.35 -14.69
CA TYR C 830 1.66 21.02 -14.68
C TYR C 830 3.12 21.07 -15.11
N VAL C 831 3.92 20.19 -14.50
CA VAL C 831 5.33 20.04 -14.82
C VAL C 831 5.66 18.55 -14.76
N LEU C 832 6.73 18.17 -15.45
CA LEU C 832 7.18 16.79 -15.42
C LEU C 832 8.68 16.76 -15.73
N VAL C 833 9.48 16.61 -14.69
CA VAL C 833 10.92 16.68 -14.82
C VAL C 833 11.51 15.27 -14.83
N THR C 834 12.68 15.15 -15.45
CA THR C 834 13.48 13.93 -15.38
C THR C 834 14.79 14.14 -16.14
N ARG C 843 5.54 9.83 -20.05
CA ARG C 843 4.47 8.85 -20.12
C ARG C 843 3.10 9.52 -20.14
N GLU C 844 3.08 10.86 -20.19
CA GLU C 844 1.81 11.57 -20.26
C GLU C 844 1.05 11.17 -21.53
N ILE C 845 1.78 11.04 -22.64
CA ILE C 845 1.15 10.71 -23.91
C ILE C 845 0.46 9.35 -23.83
N VAL C 846 1.18 8.35 -23.33
CA VAL C 846 0.58 7.01 -23.24
C VAL C 846 -0.61 7.04 -22.30
N ASN C 847 -0.52 7.82 -21.24
CA ASN C 847 -1.65 7.93 -20.32
C ASN C 847 -2.86 8.52 -21.03
N ASP C 848 -2.66 9.54 -21.85
CA ASP C 848 -3.76 10.09 -22.63
C ASP C 848 -4.34 9.04 -23.56
N PHE C 849 -3.46 8.26 -24.20
CA PHE C 849 -3.94 7.22 -25.10
C PHE C 849 -4.83 6.24 -24.34
N ARG C 850 -4.40 5.83 -23.14
CA ARG C 850 -5.21 4.91 -22.35
C ARG C 850 -6.54 5.54 -21.99
N GLU C 851 -6.53 6.82 -21.62
CA GLU C 851 -7.78 7.48 -21.25
C GLU C 851 -8.75 7.47 -22.41
N LYS C 852 -8.25 7.80 -23.59
CA LYS C 852 -9.08 7.72 -24.79
C LYS C 852 -9.63 6.31 -24.98
N MET C 853 -8.75 5.32 -24.82
CA MET C 853 -9.17 3.94 -25.06
C MET C 853 -10.28 3.55 -24.11
N MET C 854 -10.15 3.90 -22.84
CA MET C 854 -11.15 3.49 -21.87
C MET C 854 -12.46 4.22 -22.09
N TYR C 855 -12.40 5.49 -22.45
CA TYR C 855 -13.63 6.21 -22.76
C TYR C 855 -14.38 5.51 -23.89
N LYS C 856 -13.66 5.15 -24.94
CA LYS C 856 -14.32 4.49 -26.08
C LYS C 856 -14.86 3.14 -25.68
N ALA C 857 -14.11 2.39 -24.87
CA ALA C 857 -14.58 1.09 -24.43
C ALA C 857 -15.84 1.24 -23.58
N ILE C 858 -15.88 2.28 -22.75
CA ILE C 858 -17.06 2.54 -21.95
C ILE C 858 -18.25 2.80 -22.84
N ASN C 859 -18.07 3.66 -23.85
CA ASN C 859 -19.18 3.93 -24.76
C ASN C 859 -19.60 2.65 -25.46
N ARG C 860 -18.63 1.80 -25.80
CA ARG C 860 -18.93 0.54 -26.44
C ARG C 860 -19.79 -0.34 -25.57
N VAL C 861 -19.44 -0.44 -24.28
CA VAL C 861 -20.22 -1.25 -23.36
C VAL C 861 -21.61 -0.66 -23.16
N GLN C 862 -21.68 0.67 -22.96
CA GLN C 862 -22.97 1.32 -22.84
C GLN C 862 -23.86 0.98 -24.02
N ASN C 863 -23.27 0.90 -25.21
CA ASN C 863 -24.02 0.53 -26.42
C ASN C 863 -23.82 -0.96 -26.70
N MET C 864 -24.48 -1.78 -25.88
CA MET C 864 -24.40 -3.22 -25.97
C MET C 864 -25.77 -3.83 -25.75
N LYS C 865 -25.93 -5.07 -26.23
CA LYS C 865 -27.15 -5.80 -25.96
C LYS C 865 -27.26 -6.15 -24.49
N PRO C 866 -28.44 -6.00 -23.89
CA PRO C 866 -28.62 -6.44 -22.51
C PRO C 866 -28.44 -7.94 -22.36
N GLU C 867 -28.83 -8.72 -23.36
CA GLU C 867 -28.66 -10.17 -23.30
C GLU C 867 -27.20 -10.55 -23.42
N GLU C 868 -26.54 -10.08 -24.47
CA GLU C 868 -25.12 -10.38 -24.64
C GLU C 868 -24.33 -9.90 -23.44
N TYR C 869 -24.61 -8.67 -23.00
CA TYR C 869 -23.92 -8.11 -21.84
C TYR C 869 -24.13 -9.00 -20.61
N ALA C 870 -25.37 -9.41 -20.37
CA ALA C 870 -25.65 -10.25 -19.21
C ALA C 870 -24.92 -11.57 -19.31
N HIS C 871 -24.87 -12.15 -20.51
CA HIS C 871 -24.17 -13.41 -20.68
C HIS C 871 -22.70 -13.26 -20.35
N LYS C 872 -22.08 -12.18 -20.85
CA LYS C 872 -20.66 -11.98 -20.60
C LYS C 872 -20.39 -11.83 -19.11
N ILE C 873 -21.15 -10.96 -18.45
CA ILE C 873 -20.88 -10.71 -17.05
C ILE C 873 -21.14 -11.95 -16.22
N LEU C 874 -22.15 -12.73 -16.59
CA LEU C 874 -22.41 -13.98 -15.90
C LEU C 874 -21.23 -14.93 -16.03
N GLU C 875 -20.68 -15.04 -17.24
CA GLU C 875 -19.52 -15.90 -17.43
C GLU C 875 -18.36 -15.43 -16.57
N LEU C 876 -18.16 -14.11 -16.51
CA LEU C 876 -17.07 -13.58 -15.70
C LEU C 876 -17.29 -13.88 -14.23
N GLN C 877 -18.53 -13.76 -13.76
CA GLN C 877 -18.82 -14.11 -12.38
C GLN C 877 -18.44 -15.54 -12.09
N VAL C 878 -18.82 -16.44 -12.99
CA VAL C 878 -18.48 -17.85 -12.81
C VAL C 878 -16.98 -18.03 -12.77
N GLN C 879 -16.27 -17.35 -13.67
CA GLN C 879 -14.83 -17.49 -13.72
C GLN C 879 -14.21 -17.05 -12.40
N SER C 880 -14.66 -15.91 -11.86
CA SER C 880 -14.11 -15.43 -10.60
C SER C 880 -14.35 -16.43 -9.49
N ILE C 881 -15.55 -17.00 -9.43
CA ILE C 881 -15.87 -17.98 -8.41
C ILE C 881 -14.94 -19.18 -8.54
N LEU C 882 -14.73 -19.65 -9.76
CA LEU C 882 -13.87 -20.81 -9.98
C LEU C 882 -12.44 -20.51 -9.54
N GLU C 883 -11.96 -19.31 -9.83
CA GLU C 883 -10.61 -18.94 -9.40
C GLU C 883 -10.53 -18.94 -7.89
N LYS C 884 -11.57 -18.46 -7.22
CA LYS C 884 -11.58 -18.46 -5.76
C LYS C 884 -11.55 -19.88 -5.23
N LYS C 885 -12.32 -20.78 -5.85
CA LYS C 885 -12.31 -22.17 -5.42
C LYS C 885 -10.95 -22.80 -5.62
N MET C 886 -10.30 -22.52 -6.76
CA MET C 886 -8.96 -23.06 -7.00
C MET C 886 -7.98 -22.51 -5.98
N LYS C 887 -8.06 -21.22 -5.68
CA LYS C 887 -7.19 -20.64 -4.67
C LYS C 887 -7.38 -21.34 -3.34
N VAL C 888 -8.64 -21.61 -2.97
CA VAL C 888 -8.92 -22.39 -1.77
C VAL C 888 -8.22 -23.73 -1.83
N LYS C 889 -8.34 -24.40 -2.98
CA LYS C 889 -7.78 -25.74 -3.10
C LYS C 889 -6.29 -25.73 -2.82
N ARG C 890 -5.57 -24.80 -3.45
CA ARG C 890 -4.12 -24.76 -3.30
C ARG C 890 -3.71 -24.29 -1.90
N SER C 891 -4.42 -23.29 -1.38
CA SER C 891 -4.08 -22.73 -0.07
C SER C 891 -4.17 -23.80 1.02
N ILE C 892 -5.23 -24.61 0.99
CA ILE C 892 -5.36 -25.65 2.00
C ILE C 892 -4.25 -26.66 1.87
N ALA C 893 -3.92 -27.07 0.64
CA ALA C 893 -2.88 -28.05 0.45
C ALA C 893 -1.55 -27.56 0.99
N LYS C 894 -1.35 -26.24 1.07
CA LYS C 894 -0.10 -25.71 1.59
C LYS C 894 0.14 -26.17 3.03
N GLN C 895 -0.91 -26.15 3.86
CA GLN C 895 -0.77 -26.37 5.30
C GLN C 895 -1.12 -27.83 5.60
N TYR C 896 -0.09 -28.68 5.50
CA TYR C 896 -0.29 -30.12 5.68
C TYR C 896 0.60 -30.69 6.78
N ASN C 897 1.90 -30.34 6.76
CA ASN C 897 2.85 -31.00 7.64
C ASN C 897 2.55 -30.74 9.11
N ASP C 898 2.59 -29.47 9.52
CA ASP C 898 2.25 -29.12 10.90
C ASP C 898 3.18 -29.84 11.89
N ASN C 899 4.45 -29.94 11.53
CA ASN C 899 5.40 -30.64 12.39
C ASN C 899 5.73 -29.81 13.62
N PRO C 900 5.88 -30.43 14.79
CA PRO C 900 6.31 -29.65 15.96
C PRO C 900 7.73 -29.12 15.82
N SER C 901 8.68 -29.98 15.50
CA SER C 901 10.09 -29.59 15.44
C SER C 901 10.78 -30.46 14.39
N LEU C 902 10.95 -29.90 13.19
CA LEU C 902 11.64 -30.59 12.10
C LEU C 902 12.65 -29.68 11.41
N ILE C 903 13.00 -28.56 12.05
CA ILE C 903 13.88 -27.55 11.46
C ILE C 903 14.78 -27.00 12.55
N THR C 904 15.75 -26.20 12.14
CA THR C 904 16.66 -25.53 13.05
C THR C 904 17.01 -24.16 12.51
N LEU C 905 17.10 -23.18 13.41
CA LEU C 905 17.37 -21.81 13.02
C LEU C 905 18.86 -21.54 13.09
N LEU C 906 19.39 -20.93 12.04
CA LEU C 906 20.82 -20.69 11.89
C LEU C 906 21.06 -19.23 11.53
N CYS C 907 22.15 -18.67 12.06
CA CYS C 907 22.58 -17.36 11.60
C CYS C 907 23.04 -17.46 10.16
N LYS C 908 22.73 -16.44 9.38
CA LYS C 908 22.98 -16.48 7.95
C LYS C 908 24.33 -15.90 7.57
N ASN C 909 24.92 -15.04 8.41
CA ASN C 909 26.30 -14.65 8.20
C ASN C 909 27.24 -15.76 8.63
N CYS C 910 27.11 -16.20 9.88
CA CYS C 910 27.85 -17.36 10.38
C CYS C 910 26.88 -18.53 10.47
N SER C 911 26.98 -19.46 9.52
CA SER C 911 26.04 -20.56 9.43
C SER C 911 26.29 -21.51 10.60
N MET C 912 25.80 -21.09 11.77
CA MET C 912 25.86 -21.88 12.98
C MET C 912 24.46 -22.09 13.50
N LEU C 913 24.22 -23.26 14.11
CA LEU C 913 22.92 -23.52 14.70
C LEU C 913 22.64 -22.50 15.80
N VAL C 914 21.51 -21.84 15.69
CA VAL C 914 21.07 -20.85 16.67
C VAL C 914 19.92 -21.38 17.52
N CYS C 915 19.07 -22.23 16.95
CA CYS C 915 17.98 -22.84 17.69
C CYS C 915 17.62 -24.18 17.08
N SER C 916 16.60 -24.81 17.66
CA SER C 916 16.02 -26.04 17.15
C SER C 916 14.55 -25.82 16.82
N GLY C 917 13.88 -26.91 16.47
CA GLY C 917 12.48 -26.81 16.10
C GLY C 917 11.54 -26.78 17.29
N GLU C 918 11.92 -27.42 18.39
CA GLU C 918 11.03 -27.54 19.54
C GLU C 918 11.29 -26.48 20.61
N ASN C 919 12.53 -25.97 20.71
CA ASN C 919 12.82 -24.97 21.73
C ASN C 919 12.04 -23.67 21.53
N ILE C 920 11.44 -23.49 20.36
CA ILE C 920 10.69 -22.28 20.06
C ILE C 920 9.28 -22.41 20.61
N HIS C 921 8.68 -21.28 20.97
CA HIS C 921 7.29 -21.22 21.42
C HIS C 921 6.67 -19.95 20.86
N VAL C 922 5.33 -19.93 20.83
CA VAL C 922 4.58 -18.86 20.20
C VAL C 922 3.74 -18.15 21.26
N ILE C 923 3.68 -16.83 21.17
CA ILE C 923 2.92 -16.00 22.10
C ILE C 923 2.00 -15.11 21.27
N GLU C 924 0.73 -15.03 21.68
CA GLU C 924 -0.30 -14.35 20.91
C GLU C 924 -0.58 -15.07 19.60
N LYS C 925 -0.08 -16.31 19.44
CA LYS C 925 -0.09 -17.02 18.17
C LYS C 925 0.41 -16.13 17.03
N MET C 926 1.27 -15.17 17.37
CA MET C 926 1.87 -14.29 16.38
C MET C 926 3.39 -14.35 16.40
N HIS C 927 3.96 -14.16 17.59
CA HIS C 927 5.39 -13.98 17.73
C HIS C 927 6.04 -15.25 18.26
N HIS C 928 7.17 -15.61 17.66
CA HIS C 928 7.95 -16.77 18.06
C HIS C 928 9.14 -16.31 18.89
N VAL C 929 9.55 -17.15 19.83
CA VAL C 929 10.59 -16.79 20.79
C VAL C 929 11.27 -18.06 21.27
N ASN C 930 12.48 -17.92 21.81
CA ASN C 930 13.24 -19.03 22.35
C ASN C 930 13.73 -18.65 23.75
N MET C 931 13.08 -19.21 24.76
CA MET C 931 13.58 -19.23 26.13
C MET C 931 14.55 -20.39 26.23
N THR C 932 14.80 -20.90 27.45
CA THR C 932 15.87 -21.88 27.65
C THR C 932 17.24 -21.24 27.47
N PRO C 933 17.73 -20.52 28.48
CA PRO C 933 18.83 -19.57 28.29
C PRO C 933 20.09 -20.13 27.65
N GLU C 934 20.14 -21.43 27.36
CA GLU C 934 21.23 -21.93 26.54
C GLU C 934 21.37 -21.09 25.28
N PHE C 935 20.24 -20.71 24.69
CA PHE C 935 20.24 -19.72 23.61
C PHE C 935 20.57 -18.33 24.14
N LYS C 936 20.10 -18.01 25.35
CA LYS C 936 20.21 -16.64 25.85
C LYS C 936 21.65 -16.18 25.96
N GLY C 937 22.54 -17.06 26.45
CA GLY C 937 23.93 -16.68 26.59
C GLY C 937 24.58 -16.32 25.27
N LEU C 938 23.97 -16.71 24.16
CA LEU C 938 24.55 -16.47 22.84
C LEU C 938 24.26 -15.07 22.33
N TYR C 939 22.99 -14.66 22.36
CA TYR C 939 22.62 -13.41 21.70
C TYR C 939 23.08 -12.21 22.51
N ILE C 940 23.18 -11.08 21.81
CA ILE C 940 23.67 -9.84 22.38
C ILE C 940 22.55 -8.80 22.32
N VAL C 941 22.72 -7.72 23.06
CA VAL C 941 21.73 -6.66 23.16
C VAL C 941 22.39 -5.33 22.84
N ARG C 942 21.67 -4.46 22.14
CA ARG C 942 22.16 -3.15 21.75
C ARG C 942 20.97 -2.22 21.56
N GLU C 943 21.16 -0.94 21.85
CA GLU C 943 20.10 0.03 21.71
C GLU C 943 20.70 1.39 21.39
N ASN C 944 19.89 2.24 20.77
CA ASN C 944 20.32 3.60 20.44
C ASN C 944 19.09 4.46 20.20
N LYS C 945 19.22 5.75 20.48
CA LYS C 945 18.15 6.70 20.25
C LYS C 945 18.65 8.12 20.47
N ASN C 957 11.17 -4.57 23.51
CA ASN C 957 11.59 -3.18 23.46
C ASN C 957 12.92 -3.00 22.75
N GLY C 958 13.96 -3.69 23.24
CA GLY C 958 15.30 -3.55 22.69
C GLY C 958 15.61 -4.55 21.60
N GLU C 959 16.65 -4.24 20.83
CA GLU C 959 17.04 -5.05 19.69
C GLU C 959 18.03 -6.14 20.08
N ILE C 960 18.08 -7.19 19.27
CA ILE C 960 19.00 -8.29 19.45
C ILE C 960 19.92 -8.35 18.23
N ILE C 961 21.17 -8.77 18.48
CA ILE C 961 22.15 -8.92 17.41
C ILE C 961 22.90 -10.23 17.65
N CYS C 962 23.87 -10.54 16.80
CA CYS C 962 24.58 -11.81 16.84
C CYS C 962 25.98 -11.61 17.40
N LYS C 963 26.62 -12.75 17.71
CA LYS C 963 28.05 -12.74 18.00
C LYS C 963 28.86 -12.36 16.78
N CYS C 964 28.26 -12.42 15.59
CA CYS C 964 28.92 -11.98 14.36
C CYS C 964 28.42 -10.64 13.87
N GLY C 965 27.62 -9.94 14.67
CA GLY C 965 27.03 -8.67 14.28
C GLY C 965 25.72 -8.82 13.52
N GLN C 966 25.41 -10.02 13.07
CA GLN C 966 24.13 -10.28 12.39
C GLN C 966 22.97 -9.91 13.31
N ALA C 967 22.05 -9.10 12.79
CA ALA C 967 20.87 -8.73 13.55
C ALA C 967 19.89 -9.89 13.58
N TRP C 968 19.22 -10.07 14.71
CA TRP C 968 18.35 -11.22 14.93
C TRP C 968 16.91 -10.84 15.23
N GLY C 969 16.67 -9.73 15.92
CA GLY C 969 15.30 -9.32 16.19
C GLY C 969 15.15 -8.30 17.30
N THR C 970 14.10 -8.45 18.11
CA THR C 970 13.76 -7.47 19.14
C THR C 970 13.26 -8.21 20.38
N MET C 971 13.40 -7.55 21.53
CA MET C 971 13.05 -8.16 22.82
C MET C 971 11.69 -7.65 23.28
N MET C 972 10.65 -8.30 22.76
CA MET C 972 9.29 -8.01 23.19
C MET C 972 9.06 -8.59 24.58
N VAL C 973 8.06 -8.04 25.28
CA VAL C 973 7.64 -8.53 26.58
C VAL C 973 6.12 -8.67 26.56
N HIS C 974 5.63 -9.86 26.90
CA HIS C 974 4.20 -10.15 26.85
C HIS C 974 3.79 -10.81 28.15
N LYS C 975 2.72 -10.31 28.77
CA LYS C 975 2.22 -10.85 30.03
C LYS C 975 3.35 -10.97 31.05
N GLY C 976 4.26 -9.99 31.04
CA GLY C 976 5.28 -9.88 32.06
C GLY C 976 6.50 -10.74 31.86
N LEU C 977 6.56 -11.56 30.83
CA LEU C 977 7.71 -12.40 30.55
C LEU C 977 8.61 -11.69 29.54
N ASP C 978 9.89 -11.58 29.87
CA ASP C 978 10.85 -11.04 28.93
C ASP C 978 11.11 -12.06 27.83
N LEU C 979 10.96 -11.62 26.59
CA LEU C 979 10.99 -12.52 25.44
C LEU C 979 11.98 -12.00 24.41
N PRO C 980 13.03 -12.75 24.09
CA PRO C 980 13.92 -12.37 22.98
C PRO C 980 13.31 -12.74 21.64
N CYS C 981 12.37 -11.92 21.19
CA CYS C 981 11.71 -12.20 19.92
C CYS C 981 12.68 -11.95 18.76
N LEU C 982 12.37 -12.59 17.64
CA LEU C 982 13.30 -12.65 16.52
C LEU C 982 12.51 -12.63 15.22
N LYS C 983 13.24 -12.66 14.10
CA LYS C 983 12.65 -12.65 12.77
C LYS C 983 13.25 -13.76 11.93
N ILE C 984 12.38 -14.54 11.28
CA ILE C 984 12.85 -15.61 10.40
C ILE C 984 13.66 -15.05 9.25
N ARG C 985 13.42 -13.80 8.87
CA ARG C 985 14.10 -13.23 7.71
C ARG C 985 15.61 -13.28 7.90
N ASN C 986 16.09 -13.04 9.11
CA ASN C 986 17.51 -12.95 9.37
C ASN C 986 18.16 -14.29 9.67
N PHE C 987 17.39 -15.39 9.64
CA PHE C 987 17.93 -16.73 9.82
C PHE C 987 17.67 -17.56 8.59
N VAL C 988 18.42 -18.66 8.48
CA VAL C 988 18.31 -19.60 7.36
C VAL C 988 17.93 -20.96 7.92
N VAL C 989 16.99 -21.63 7.26
CA VAL C 989 16.44 -22.88 7.77
C VAL C 989 17.40 -24.02 7.52
N ASN C 990 17.25 -25.09 8.29
CA ASN C 990 18.01 -26.31 8.08
C ASN C 990 17.15 -27.48 8.57
N PHE C 991 16.51 -28.17 7.64
CA PHE C 991 15.63 -29.26 8.00
C PHE C 991 16.41 -30.39 8.67
N LYS C 992 15.66 -31.29 9.31
CA LYS C 992 16.26 -32.52 9.79
C LYS C 992 16.51 -33.52 8.67
N ASN C 993 15.69 -33.47 7.62
CA ASN C 993 15.90 -34.30 6.44
C ASN C 993 17.14 -33.90 5.66
N ASN C 994 17.85 -32.87 6.09
CA ASN C 994 19.05 -32.36 5.43
C ASN C 994 18.74 -31.76 4.05
N SER C 995 17.46 -31.57 3.73
CA SER C 995 17.09 -30.87 2.53
C SER C 995 17.76 -29.50 2.52
N PRO C 996 17.95 -28.91 1.34
CA PRO C 996 18.73 -27.66 1.26
C PRO C 996 18.20 -26.57 2.16
N LYS C 997 19.08 -25.65 2.55
CA LYS C 997 18.66 -24.53 3.38
C LYS C 997 17.58 -23.73 2.66
N LYS C 998 16.87 -22.92 3.43
CA LYS C 998 15.75 -22.15 2.90
C LYS C 998 15.66 -20.81 3.61
N GLN C 999 15.09 -19.85 2.91
CA GLN C 999 14.75 -18.54 3.46
C GLN C 999 13.31 -18.23 3.08
N TYR C 1000 12.54 -17.78 4.06
CA TYR C 1000 11.11 -17.63 3.88
C TYR C 1000 10.63 -16.19 3.91
N LYS C 1001 11.30 -15.31 4.63
CA LYS C 1001 10.93 -13.91 4.82
C LYS C 1001 9.71 -13.78 5.73
N LYS C 1002 9.09 -14.88 6.15
CA LYS C 1002 7.97 -14.84 7.07
C LYS C 1002 7.67 -16.25 7.55
N TRP C 1003 7.13 -16.33 8.77
CA TRP C 1003 6.95 -17.61 9.41
C TRP C 1003 5.90 -18.46 8.72
N VAL C 1004 4.82 -17.82 8.27
CA VAL C 1004 3.67 -18.58 7.80
C VAL C 1004 4.04 -19.45 6.62
N GLU C 1005 5.06 -19.06 5.86
CA GLU C 1005 5.49 -19.88 4.72
C GLU C 1005 5.78 -21.31 5.15
N LEU C 1006 6.32 -21.48 6.35
CA LEU C 1006 6.59 -22.81 6.88
C LEU C 1006 5.29 -23.49 7.25
N PRO C 1007 4.98 -24.69 6.73
CA PRO C 1007 3.71 -25.33 7.06
C PRO C 1007 3.71 -25.97 8.43
N ILE C 1008 4.86 -26.14 9.06
CA ILE C 1008 4.89 -26.80 10.36
C ILE C 1008 4.39 -25.85 11.44
N ARG C 1009 3.96 -26.41 12.55
CA ARG C 1009 3.26 -25.69 13.60
C ARG C 1009 4.13 -25.63 14.85
N PHE C 1010 4.23 -24.45 15.44
CA PHE C 1010 4.98 -24.30 16.67
C PHE C 1010 4.03 -24.17 17.86
N PRO C 1011 4.45 -24.64 19.04
CA PRO C 1011 3.53 -24.65 20.19
C PRO C 1011 3.38 -23.27 20.81
N ASP C 1012 2.17 -22.96 21.26
CA ASP C 1012 1.96 -21.74 22.03
C ASP C 1012 2.64 -21.88 23.39
N LEU C 1013 3.28 -20.80 23.81
CA LEU C 1013 4.04 -20.82 25.05
C LEU C 1013 3.12 -21.04 26.24
N ASP C 1014 3.59 -21.81 27.22
CA ASP C 1014 2.86 -22.07 28.45
C ASP C 1014 3.49 -21.25 29.56
N TYR C 1015 2.75 -20.25 30.04
CA TYR C 1015 3.30 -19.36 31.05
C TYR C 1015 3.53 -20.10 32.36
N SER C 1016 2.78 -21.18 32.60
CA SER C 1016 3.06 -22.00 33.78
C SER C 1016 4.48 -22.51 33.75
N GLU C 1017 4.93 -22.96 32.58
CA GLU C 1017 6.33 -23.32 32.40
C GLU C 1017 7.20 -22.07 32.47
N TYR C 1018 8.46 -22.27 32.88
CA TYR C 1018 9.42 -21.17 33.00
C TYR C 1018 9.00 -20.19 34.09
N CYS C 1019 8.22 -20.67 35.06
CA CYS C 1019 7.78 -19.81 36.15
C CYS C 1019 8.97 -19.23 36.90
N LEU C 1020 9.91 -20.09 37.27
CA LEU C 1020 11.15 -19.65 37.89
C LEU C 1020 10.87 -18.65 39.01
ZN ZN D . 26.13 -14.65 13.28
PB ADP E . -16.15 14.22 -5.37
O1B ADP E . -15.06 14.08 -6.40
O2B ADP E . -17.56 14.08 -5.93
O3B ADP E . -15.91 13.47 -4.08
PA ADP E . -16.92 16.22 -3.63
O1A ADP E . -17.88 15.10 -3.28
O2A ADP E . -15.96 16.72 -2.59
O3A ADP E . -16.08 15.75 -4.92
O5' ADP E . -17.75 17.44 -4.24
C5' ADP E . -18.79 18.07 -3.49
C4' ADP E . -19.23 19.34 -4.20
O4' ADP E . -20.27 19.07 -5.15
C3' ADP E . -19.79 20.37 -3.25
O3' ADP E . -18.81 21.38 -3.02
C2' ADP E . -21.02 20.93 -3.91
O2' ADP E . -20.88 22.32 -4.19
C1' ADP E . -21.18 20.17 -5.20
N9 ADP E . -22.58 19.68 -5.32
C8 ADP E . -22.98 18.40 -5.16
N7 ADP E . -24.32 18.30 -5.35
C5 ADP E . -24.79 19.52 -5.63
C6 ADP E . -26.11 20.11 -5.95
N6 ADP E . -27.23 19.34 -5.98
N1 ADP E . -26.16 21.43 -6.19
C2 ADP E . -25.07 22.22 -6.16
N3 ADP E . -23.83 21.74 -5.88
C4 ADP E . -23.64 20.42 -5.63
H5'1 ADP E . -18.42 18.31 -2.49
H5'2 ADP E . -19.64 17.38 -3.38
H4' ADP E . -18.36 19.77 -4.71
H3' ADP E . -20.06 19.88 -2.30
HO3' ADP E . -19.08 21.92 -2.26
H2' ADP E . -21.90 20.74 -3.27
HO2' ADP E . -20.85 22.81 -3.36
H1' ADP E . -20.94 20.83 -6.04
H8 ADP E . -22.32 17.58 -4.92
HN61 ADP E . -28.12 19.76 -6.19
HN62 ADP E . -27.18 18.36 -5.80
H2 ADP E . -25.17 23.27 -6.37
#